data_2KBK
#
_entry.id   2KBK
#
_entity_poly.entity_id   1
_entity_poly.type   'polypeptide(L)'
_entity_poly.pdbx_seq_one_letter_code
;VRDAYIAKPENCVYECGITQDCNKLCTENGAESGYCQWGGKYGNACWCIKLPDSVPIRVPGKCQ
;
_entity_poly.pdbx_strand_id   A
#
# COMPACT_ATOMS: atom_id res chain seq x y z
N VAL A 1 3.89 13.71 -4.84
CA VAL A 1 3.64 12.43 -4.18
C VAL A 1 3.16 12.63 -2.75
N ARG A 2 2.46 11.64 -2.21
CA ARG A 2 1.95 11.71 -0.85
C ARG A 2 1.78 10.31 -0.26
N ASP A 3 1.96 10.21 1.05
CA ASP A 3 1.81 8.92 1.74
C ASP A 3 0.37 8.44 1.71
N ALA A 4 0.18 7.13 1.78
CA ALA A 4 -1.15 6.54 1.77
C ALA A 4 -1.09 5.03 1.89
N TYR A 5 -2.24 4.38 1.80
CA TYR A 5 -2.32 2.92 1.91
C TYR A 5 -2.30 2.28 0.52
N ILE A 6 -1.10 1.96 0.03
CA ILE A 6 -0.95 1.34 -1.27
C ILE A 6 -1.70 0.01 -1.34
N ALA A 7 -2.25 -0.29 -2.51
CA ALA A 7 -2.98 -1.53 -2.71
C ALA A 7 -2.95 -1.96 -4.18
N LYS A 8 -3.61 -3.08 -4.47
CA LYS A 8 -3.65 -3.60 -5.83
C LYS A 8 -5.09 -3.79 -6.29
N PRO A 9 -5.36 -3.43 -7.56
CA PRO A 9 -6.69 -3.56 -8.15
C PRO A 9 -7.10 -5.01 -8.36
N GLU A 10 -8.41 -5.24 -8.48
CA GLU A 10 -9.39 -4.16 -8.39
C GLU A 10 -9.74 -3.86 -6.94
N ASN A 11 -9.37 -2.67 -6.49
CA ASN A 11 -9.65 -2.26 -5.11
C ASN A 11 -9.41 -3.40 -4.14
N CYS A 12 -8.15 -3.77 -3.97
CA CYS A 12 -7.78 -4.86 -3.06
C CYS A 12 -6.57 -4.47 -2.21
N VAL A 13 -6.66 -4.75 -0.91
CA VAL A 13 -5.57 -4.44 0.01
C VAL A 13 -4.44 -5.46 -0.10
N TYR A 14 -3.30 -5.13 0.50
CA TYR A 14 -2.15 -6.03 0.48
C TYR A 14 -1.70 -6.40 1.89
N GLU A 15 -2.13 -7.57 2.35
CA GLU A 15 -1.78 -8.04 3.68
C GLU A 15 -0.27 -8.14 3.84
N CYS A 16 0.22 -7.84 5.04
CA CYS A 16 1.64 -7.90 5.33
C CYS A 16 1.93 -8.76 6.56
N GLY A 17 3.16 -8.71 7.04
CA GLY A 17 3.54 -9.49 8.21
C GLY A 17 4.05 -10.87 7.84
N ILE A 18 3.80 -11.29 6.61
CA ILE A 18 4.24 -12.60 6.14
C ILE A 18 5.27 -12.46 5.02
N THR A 19 5.12 -11.41 4.21
CA THR A 19 6.04 -11.16 3.11
C THR A 19 7.16 -10.21 3.52
N GLN A 20 6.80 -9.18 4.30
CA GLN A 20 7.78 -8.20 4.75
C GLN A 20 8.59 -7.65 3.59
N ASP A 21 7.90 -7.17 2.56
CA ASP A 21 8.58 -6.62 1.39
C ASP A 21 7.83 -5.39 0.87
N CYS A 22 7.10 -4.73 1.77
CA CYS A 22 6.35 -3.54 1.40
C CYS A 22 7.27 -2.43 0.91
N ASN A 23 8.39 -2.25 1.59
CA ASN A 23 9.37 -1.24 1.23
C ASN A 23 9.87 -1.44 -0.19
N LYS A 24 10.10 -2.70 -0.56
CA LYS A 24 10.58 -3.05 -1.88
C LYS A 24 9.51 -2.79 -2.94
N LEU A 25 8.33 -3.35 -2.72
CA LEU A 25 7.21 -3.18 -3.65
C LEU A 25 6.87 -1.70 -3.82
N CYS A 26 6.82 -0.97 -2.70
CA CYS A 26 6.50 0.44 -2.73
C CYS A 26 7.55 1.22 -3.53
N THR A 27 8.81 1.05 -3.17
CA THR A 27 9.91 1.73 -3.85
C THR A 27 9.88 1.44 -5.34
N GLU A 28 9.84 0.15 -5.70
CA GLU A 28 9.80 -0.25 -7.09
C GLU A 28 8.65 0.43 -7.83
N ASN A 29 7.49 0.46 -7.20
CA ASN A 29 6.31 1.08 -7.80
C ASN A 29 6.57 2.55 -8.13
N GLY A 30 7.53 3.14 -7.42
CA GLY A 30 7.85 4.54 -7.65
C GLY A 30 7.68 5.39 -6.40
N ALA A 31 7.34 4.75 -5.29
CA ALA A 31 7.14 5.45 -4.03
C ALA A 31 8.47 5.75 -3.36
N GLU A 32 8.48 6.79 -2.52
CA GLU A 32 9.70 7.18 -1.81
C GLU A 32 10.10 6.13 -0.79
N SER A 33 9.10 5.56 -0.11
CA SER A 33 9.34 4.54 0.91
C SER A 33 8.09 3.69 1.14
N GLY A 34 8.19 2.76 2.07
CA GLY A 34 7.07 1.89 2.37
C GLY A 34 7.41 0.83 3.40
N TYR A 35 6.39 0.29 4.05
CA TYR A 35 6.58 -0.74 5.07
C TYR A 35 5.27 -1.47 5.36
N CYS A 36 5.32 -2.37 6.33
CA CYS A 36 4.15 -3.15 6.71
C CYS A 36 3.41 -2.47 7.87
N GLN A 37 2.25 -1.91 7.59
CA GLN A 37 1.46 -1.23 8.61
C GLN A 37 0.60 -2.23 9.38
N TRP A 38 1.15 -2.76 10.46
CA TRP A 38 0.43 -3.73 11.28
C TRP A 38 -0.46 -3.03 12.30
N GLY A 39 -1.67 -2.67 11.88
CA GLY A 39 -2.59 -1.99 12.76
C GLY A 39 -3.22 -0.77 12.13
N GLY A 40 -3.95 -0.98 11.04
CA GLY A 40 -4.59 0.13 10.35
C GLY A 40 -6.10 0.08 10.44
N LYS A 41 -6.76 1.04 9.81
CA LYS A 41 -8.22 1.10 9.82
C LYS A 41 -8.82 -0.21 9.31
N TYR A 42 -8.17 -0.82 8.32
CA TYR A 42 -8.64 -2.07 7.74
C TYR A 42 -7.73 -3.22 8.16
N GLY A 43 -7.07 -3.08 9.29
CA GLY A 43 -6.18 -4.11 9.78
C GLY A 43 -4.76 -3.94 9.29
N ASN A 44 -4.03 -5.04 9.17
CA ASN A 44 -2.65 -5.00 8.70
C ASN A 44 -2.59 -4.86 7.18
N ALA A 45 -1.86 -3.85 6.72
CA ALA A 45 -1.73 -3.61 5.29
C ALA A 45 -0.41 -2.92 4.97
N CYS A 46 0.12 -3.16 3.78
CA CYS A 46 1.38 -2.55 3.36
C CYS A 46 1.20 -1.05 3.11
N TRP A 47 1.81 -0.24 3.97
CA TRP A 47 1.72 1.21 3.83
C TRP A 47 2.78 1.74 2.88
N CYS A 48 2.47 2.85 2.21
CA CYS A 48 3.39 3.45 1.25
C CYS A 48 3.68 4.90 1.62
N ILE A 49 4.93 5.31 1.46
CA ILE A 49 5.34 6.68 1.77
C ILE A 49 5.68 7.46 0.51
N LYS A 50 4.95 8.55 0.29
CA LYS A 50 5.17 9.39 -0.89
C LYS A 50 4.87 8.62 -2.17
N LEU A 51 3.59 8.60 -2.55
CA LEU A 51 3.18 7.89 -3.76
C LEU A 51 2.69 8.89 -4.82
N PRO A 52 3.10 8.66 -6.08
CA PRO A 52 2.73 9.51 -7.20
C PRO A 52 1.25 9.38 -7.56
N ASP A 53 0.70 10.41 -8.17
CA ASP A 53 -0.71 10.41 -8.57
C ASP A 53 -1.03 9.19 -9.44
N SER A 54 -0.17 8.93 -10.41
CA SER A 54 -0.36 7.80 -11.32
C SER A 54 -0.57 6.50 -10.53
N VAL A 55 -0.01 6.45 -9.32
CA VAL A 55 -0.14 5.28 -8.47
C VAL A 55 -1.05 5.57 -7.28
N PRO A 56 -2.37 5.39 -7.47
CA PRO A 56 -3.37 5.62 -6.43
C PRO A 56 -3.30 4.58 -5.32
N ILE A 57 -4.16 4.73 -4.32
CA ILE A 57 -4.19 3.80 -3.20
C ILE A 57 -5.55 3.11 -3.10
N ARG A 58 -5.70 2.27 -2.09
CA ARG A 58 -6.96 1.54 -1.89
C ARG A 58 -8.10 2.50 -1.56
N VAL A 59 -9.19 2.37 -2.29
CA VAL A 59 -10.35 3.23 -2.08
C VAL A 59 -11.46 2.49 -1.33
N PRO A 60 -12.34 3.26 -0.67
CA PRO A 60 -13.45 2.70 0.10
C PRO A 60 -14.51 2.06 -0.79
N GLY A 61 -14.52 0.74 -0.85
CA GLY A 61 -15.49 0.02 -1.66
C GLY A 61 -15.24 -1.47 -1.68
N LYS A 62 -15.77 -2.14 -2.70
CA LYS A 62 -15.60 -3.57 -2.84
C LYS A 62 -14.39 -3.91 -3.71
N CYS A 63 -13.94 -5.16 -3.64
CA CYS A 63 -12.79 -5.60 -4.42
C CYS A 63 -13.23 -6.43 -5.62
N GLN A 64 -12.50 -6.29 -6.72
CA GLN A 64 -12.82 -7.03 -7.93
C GLN A 64 -11.54 -7.48 -8.64
N VAL A 1 3.10 13.55 -4.99
CA VAL A 1 2.85 12.27 -4.32
C VAL A 1 2.08 12.47 -3.01
N ARG A 2 1.63 11.37 -2.43
CA ARG A 2 0.88 11.42 -1.18
C ARG A 2 1.02 10.12 -0.41
N ASP A 3 0.97 10.21 0.91
CA ASP A 3 1.09 9.03 1.77
C ASP A 3 -0.28 8.42 2.04
N ALA A 4 -0.31 7.08 2.09
CA ALA A 4 -1.55 6.36 2.35
C ALA A 4 -1.33 4.86 2.32
N TYR A 5 -2.41 4.10 2.47
CA TYR A 5 -2.32 2.64 2.46
C TYR A 5 -2.25 2.11 1.03
N ILE A 6 -1.05 1.71 0.62
CA ILE A 6 -0.84 1.19 -0.72
C ILE A 6 -1.68 -0.07 -0.95
N ALA A 7 -2.13 -0.25 -2.19
CA ALA A 7 -2.94 -1.40 -2.55
C ALA A 7 -2.82 -1.74 -4.03
N LYS A 8 -3.40 -2.85 -4.43
CA LYS A 8 -3.35 -3.28 -5.83
C LYS A 8 -4.76 -3.41 -6.40
N PRO A 9 -4.91 -3.04 -7.69
CA PRO A 9 -6.20 -3.11 -8.38
C PRO A 9 -6.64 -4.55 -8.63
N GLU A 10 -7.94 -4.74 -8.83
CA GLU A 10 -8.89 -3.63 -8.79
C GLU A 10 -9.33 -3.34 -7.36
N ASN A 11 -8.93 -2.17 -6.86
CA ASN A 11 -9.29 -1.77 -5.50
C ASN A 11 -9.18 -2.96 -4.54
N CYS A 12 -7.96 -3.38 -4.26
CA CYS A 12 -7.72 -4.50 -3.36
C CYS A 12 -6.58 -4.18 -2.39
N VAL A 13 -6.80 -4.47 -1.11
CA VAL A 13 -5.80 -4.23 -0.08
C VAL A 13 -4.64 -5.21 -0.20
N TYR A 14 -3.53 -4.89 0.47
CA TYR A 14 -2.35 -5.75 0.43
C TYR A 14 -1.92 -6.12 1.86
N GLU A 15 -2.36 -7.29 2.31
CA GLU A 15 -2.03 -7.75 3.64
C GLU A 15 -0.70 -8.52 3.63
N CYS A 16 0.20 -8.16 4.54
CA CYS A 16 1.50 -8.80 4.63
C CYS A 16 1.80 -9.21 6.07
N GLY A 17 3.00 -9.74 6.29
CA GLY A 17 3.40 -10.15 7.62
C GLY A 17 4.71 -10.92 7.62
N ILE A 18 4.72 -12.06 6.94
CA ILE A 18 5.92 -12.89 6.87
C ILE A 18 6.86 -12.40 5.77
N THR A 19 6.37 -12.37 4.55
CA THR A 19 7.17 -11.91 3.41
C THR A 19 7.81 -10.56 3.69
N GLN A 20 6.98 -9.58 4.03
CA GLN A 20 7.46 -8.23 4.33
C GLN A 20 8.22 -7.65 3.13
N ASP A 21 7.51 -7.43 2.04
CA ASP A 21 8.12 -6.88 0.84
C ASP A 21 7.42 -5.58 0.41
N CYS A 22 6.86 -4.87 1.39
CA CYS A 22 6.17 -3.63 1.13
C CYS A 22 7.14 -2.55 0.65
N ASN A 23 8.24 -2.39 1.38
CA ASN A 23 9.25 -1.40 1.02
C ASN A 23 9.75 -1.62 -0.40
N LYS A 24 9.97 -2.88 -0.76
CA LYS A 24 10.45 -3.22 -2.09
C LYS A 24 9.41 -2.88 -3.16
N LEU A 25 8.19 -3.35 -2.94
CA LEU A 25 7.10 -3.09 -3.89
C LEU A 25 6.87 -1.59 -4.05
N CYS A 26 6.91 -0.87 -2.93
CA CYS A 26 6.70 0.58 -2.96
C CYS A 26 7.78 1.27 -3.80
N THR A 27 9.04 0.98 -3.48
CA THR A 27 10.15 1.58 -4.21
C THR A 27 10.06 1.29 -5.70
N GLU A 28 9.90 0.02 -6.05
CA GLU A 28 9.79 -0.38 -7.45
C GLU A 28 8.65 0.38 -8.15
N ASN A 29 7.53 0.51 -7.46
CA ASN A 29 6.37 1.21 -8.01
C ASN A 29 6.72 2.66 -8.33
N GLY A 30 7.72 3.20 -7.64
CA GLY A 30 8.13 4.57 -7.87
C GLY A 30 7.77 5.48 -6.71
N ALA A 31 7.53 4.89 -5.54
CA ALA A 31 7.17 5.66 -4.36
C ALA A 31 8.41 6.02 -3.55
N GLU A 32 8.21 6.79 -2.48
CA GLU A 32 9.31 7.20 -1.62
C GLU A 32 9.66 6.11 -0.62
N SER A 33 8.76 5.88 0.33
CA SER A 33 8.97 4.85 1.36
C SER A 33 7.77 3.91 1.44
N GLY A 34 8.01 2.73 2.02
CA GLY A 34 6.95 1.75 2.14
C GLY A 34 7.28 0.67 3.15
N TYR A 35 6.27 0.22 3.89
CA TYR A 35 6.46 -0.82 4.90
C TYR A 35 5.15 -1.54 5.20
N CYS A 36 5.23 -2.57 6.02
CA CYS A 36 4.05 -3.34 6.39
C CYS A 36 3.42 -2.79 7.68
N GLN A 37 2.21 -2.25 7.55
CA GLN A 37 1.50 -1.69 8.70
C GLN A 37 0.67 -2.77 9.41
N TRP A 38 1.25 -3.36 10.44
CA TRP A 38 0.56 -4.40 11.20
C TRP A 38 -0.33 -3.80 12.28
N GLY A 39 -1.58 -3.52 11.92
CA GLY A 39 -2.50 -2.93 12.88
C GLY A 39 -2.83 -1.48 12.56
N GLY A 40 -3.75 -1.27 11.63
CA GLY A 40 -4.14 0.08 11.25
C GLY A 40 -5.62 0.20 10.96
N LYS A 41 -5.98 1.19 10.17
CA LYS A 41 -7.38 1.42 9.82
C LYS A 41 -8.03 0.14 9.31
N TYR A 42 -7.43 -0.47 8.29
CA TYR A 42 -7.95 -1.71 7.71
C TYR A 42 -7.25 -2.92 8.33
N GLY A 43 -6.74 -2.76 9.54
CA GLY A 43 -6.05 -3.85 10.21
C GLY A 43 -4.65 -4.08 9.67
N ASN A 44 -4.38 -5.31 9.24
CA ASN A 44 -3.08 -5.66 8.70
C ASN A 44 -2.99 -5.30 7.21
N ALA A 45 -2.23 -4.25 6.90
CA ALA A 45 -2.07 -3.80 5.53
C ALA A 45 -0.74 -3.08 5.35
N CYS A 46 -0.23 -3.10 4.12
CA CYS A 46 1.05 -2.44 3.81
C CYS A 46 0.83 -0.94 3.58
N TRP A 47 1.57 -0.13 4.34
CA TRP A 47 1.46 1.31 4.22
C TRP A 47 2.62 1.88 3.40
N CYS A 48 2.36 2.97 2.68
CA CYS A 48 3.37 3.60 1.85
C CYS A 48 3.38 5.11 2.06
N ILE A 49 4.55 5.71 1.93
CA ILE A 49 4.70 7.16 2.10
C ILE A 49 5.16 7.83 0.81
N LYS A 50 4.44 8.87 0.41
CA LYS A 50 4.78 9.60 -0.81
C LYS A 50 4.64 8.70 -2.04
N LEU A 51 3.40 8.51 -2.49
CA LEU A 51 3.14 7.67 -3.66
C LEU A 51 2.62 8.52 -4.82
N PRO A 52 3.03 8.15 -6.04
CA PRO A 52 2.63 8.86 -7.26
C PRO A 52 1.15 8.64 -7.60
N ASP A 53 0.54 9.63 -8.24
CA ASP A 53 -0.86 9.54 -8.62
C ASP A 53 -1.11 8.32 -9.50
N SER A 54 -0.11 7.98 -10.31
CA SER A 54 -0.22 6.83 -11.21
C SER A 54 -0.70 5.59 -10.46
N VAL A 55 -0.39 5.52 -9.18
CA VAL A 55 -0.79 4.39 -8.35
C VAL A 55 -1.59 4.86 -7.14
N PRO A 56 -2.91 5.00 -7.33
CA PRO A 56 -3.82 5.45 -6.27
C PRO A 56 -4.00 4.39 -5.18
N ILE A 57 -3.81 4.79 -3.93
CA ILE A 57 -3.95 3.87 -2.81
C ILE A 57 -5.32 3.20 -2.81
N ARG A 58 -5.55 2.33 -1.83
CA ARG A 58 -6.82 1.61 -1.73
C ARG A 58 -7.95 2.58 -1.41
N VAL A 59 -8.91 2.69 -2.32
CA VAL A 59 -10.05 3.57 -2.14
C VAL A 59 -11.22 2.83 -1.51
N PRO A 60 -12.12 3.59 -0.86
CA PRO A 60 -13.30 3.02 -0.20
C PRO A 60 -14.33 2.50 -1.20
N GLY A 61 -14.38 1.18 -1.35
CA GLY A 61 -15.32 0.57 -2.28
C GLY A 61 -15.14 -0.93 -2.38
N LYS A 62 -15.60 -1.50 -3.49
CA LYS A 62 -15.49 -2.94 -3.71
C LYS A 62 -14.21 -3.29 -4.46
N CYS A 63 -13.85 -4.56 -4.45
CA CYS A 63 -12.64 -5.02 -5.13
C CYS A 63 -12.99 -5.81 -6.37
N GLN A 64 -12.17 -5.65 -7.42
CA GLN A 64 -12.40 -6.36 -8.68
C GLN A 64 -11.09 -6.87 -9.26
N VAL A 1 3.32 12.92 -5.48
CA VAL A 1 3.24 11.69 -4.71
C VAL A 1 2.40 11.89 -3.45
N ARG A 2 1.77 10.83 -2.97
CA ARG A 2 0.93 10.89 -1.79
C ARG A 2 1.17 9.68 -0.89
N ASP A 3 1.06 9.89 0.42
CA ASP A 3 1.25 8.81 1.38
C ASP A 3 -0.08 8.22 1.83
N ALA A 4 -0.14 6.90 1.92
CA ALA A 4 -1.36 6.22 2.34
C ALA A 4 -1.18 4.70 2.33
N TYR A 5 -2.26 3.99 2.59
CA TYR A 5 -2.22 2.52 2.60
C TYR A 5 -2.20 1.96 1.18
N ILE A 6 -1.05 1.49 0.75
CA ILE A 6 -0.90 0.92 -0.59
C ILE A 6 -1.78 -0.31 -0.75
N ALA A 7 -2.28 -0.51 -1.96
CA ALA A 7 -3.13 -1.66 -2.26
C ALA A 7 -3.03 -2.05 -3.73
N LYS A 8 -3.67 -3.16 -4.09
CA LYS A 8 -3.65 -3.65 -5.47
C LYS A 8 -5.06 -3.69 -6.05
N PRO A 9 -5.18 -3.29 -7.33
CA PRO A 9 -6.47 -3.27 -8.03
C PRO A 9 -7.00 -4.67 -8.31
N GLU A 10 -8.31 -4.76 -8.52
CA GLU A 10 -9.18 -3.59 -8.49
C GLU A 10 -9.61 -3.27 -7.06
N ASN A 11 -9.14 -2.13 -6.56
CA ASN A 11 -9.48 -1.70 -5.20
C ASN A 11 -9.44 -2.88 -4.24
N CYS A 12 -8.23 -3.36 -3.95
CA CYS A 12 -8.06 -4.48 -3.03
C CYS A 12 -6.88 -4.25 -2.09
N VAL A 13 -7.09 -4.52 -0.81
CA VAL A 13 -6.05 -4.33 0.20
C VAL A 13 -4.88 -5.27 -0.05
N TYR A 14 -3.74 -4.95 0.55
CA TYR A 14 -2.54 -5.77 0.39
C TYR A 14 -1.98 -6.17 1.75
N GLU A 15 -2.13 -7.44 2.09
CA GLU A 15 -1.63 -7.96 3.37
C GLU A 15 -0.11 -7.92 3.41
N CYS A 16 0.43 -7.59 4.58
CA CYS A 16 1.88 -7.52 4.76
C CYS A 16 2.32 -8.39 5.94
N GLY A 17 3.63 -8.45 6.16
CA GLY A 17 4.16 -9.24 7.25
C GLY A 17 4.73 -10.56 6.79
N ILE A 18 4.26 -11.04 5.63
CA ILE A 18 4.75 -12.29 5.07
C ILE A 18 6.01 -12.09 4.25
N THR A 19 6.11 -10.93 3.60
CA THR A 19 7.27 -10.62 2.77
C THR A 19 8.16 -9.60 3.47
N GLN A 20 7.57 -8.74 4.28
CA GLN A 20 8.31 -7.71 5.00
C GLN A 20 9.19 -6.92 4.05
N ASP A 21 8.66 -6.61 2.87
CA ASP A 21 9.40 -5.85 1.87
C ASP A 21 8.55 -4.71 1.33
N CYS A 22 7.70 -4.14 2.18
CA CYS A 22 6.83 -3.04 1.79
C CYS A 22 7.64 -1.92 1.13
N ASN A 23 8.63 -1.41 1.85
CA ASN A 23 9.47 -0.34 1.33
C ASN A 23 10.00 -0.69 -0.06
N LYS A 24 10.33 -1.96 -0.26
CA LYS A 24 10.85 -2.42 -1.55
C LYS A 24 9.78 -2.29 -2.64
N LEU A 25 8.57 -2.75 -2.33
CA LEU A 25 7.46 -2.68 -3.27
C LEU A 25 7.16 -1.25 -3.67
N CYS A 26 7.13 -0.37 -2.68
CA CYS A 26 6.85 1.04 -2.91
C CYS A 26 7.90 1.66 -3.84
N THR A 27 9.16 1.57 -3.44
CA THR A 27 10.25 2.12 -4.22
C THR A 27 10.20 1.62 -5.66
N GLU A 28 10.13 0.30 -5.82
CA GLU A 28 10.06 -0.30 -7.15
C GLU A 28 8.91 0.28 -7.95
N ASN A 29 7.75 0.41 -7.32
CA ASN A 29 6.57 0.96 -7.98
C ASN A 29 6.80 2.40 -8.40
N GLY A 30 7.76 3.06 -7.75
CA GLY A 30 8.06 4.44 -8.07
C GLY A 30 7.80 5.37 -6.89
N ALA A 31 7.45 4.80 -5.75
CA ALA A 31 7.18 5.59 -4.55
C ALA A 31 8.47 6.01 -3.87
N GLU A 32 8.34 6.57 -2.67
CA GLU A 32 9.50 7.02 -1.90
C GLU A 32 9.90 5.98 -0.87
N SER A 33 8.97 5.62 0.00
CA SER A 33 9.23 4.65 1.05
C SER A 33 7.95 3.92 1.44
N GLY A 34 8.02 3.21 2.57
CA GLY A 34 6.85 2.47 3.04
C GLY A 34 7.22 1.36 4.00
N TYR A 35 6.22 0.78 4.65
CA TYR A 35 6.44 -0.31 5.60
C TYR A 35 5.17 -1.09 5.83
N CYS A 36 5.29 -2.25 6.48
CA CYS A 36 4.16 -3.09 6.77
C CYS A 36 3.41 -2.61 8.01
N GLN A 37 2.18 -2.13 7.81
CA GLN A 37 1.36 -1.62 8.91
C GLN A 37 0.60 -2.76 9.58
N TRP A 38 1.23 -3.40 10.55
CA TRP A 38 0.61 -4.51 11.27
C TRP A 38 -0.23 -3.99 12.43
N GLY A 39 -1.48 -3.64 12.13
CA GLY A 39 -2.37 -3.13 13.16
C GLY A 39 -2.82 -1.71 12.89
N GLY A 40 -3.54 -1.52 11.78
CA GLY A 40 -4.01 -0.18 11.43
C GLY A 40 -5.51 -0.16 11.20
N LYS A 41 -5.96 0.80 10.40
CA LYS A 41 -7.38 0.95 10.10
C LYS A 41 -7.97 -0.37 9.61
N TYR A 42 -7.31 -0.99 8.64
CA TYR A 42 -7.76 -2.26 8.10
C TYR A 42 -6.96 -3.41 8.66
N GLY A 43 -6.41 -3.22 9.85
CA GLY A 43 -5.62 -4.26 10.48
C GLY A 43 -4.26 -4.43 9.85
N ASN A 44 -3.95 -5.65 9.43
CA ASN A 44 -2.66 -5.94 8.79
C ASN A 44 -2.67 -5.50 7.33
N ALA A 45 -2.12 -4.33 7.06
CA ALA A 45 -2.07 -3.81 5.70
C ALA A 45 -0.72 -3.13 5.43
N CYS A 46 -0.31 -3.15 4.17
CA CYS A 46 0.96 -2.54 3.77
C CYS A 46 0.80 -1.04 3.55
N TRP A 47 1.67 -0.27 4.17
CA TRP A 47 1.63 1.19 4.05
C TRP A 47 2.77 1.70 3.18
N CYS A 48 2.51 2.77 2.44
CA CYS A 48 3.51 3.35 1.56
C CYS A 48 3.57 4.87 1.72
N ILE A 49 4.76 5.43 1.62
CA ILE A 49 4.95 6.87 1.75
C ILE A 49 5.36 7.50 0.42
N LYS A 50 4.60 8.50 -0.01
CA LYS A 50 4.89 9.18 -1.27
C LYS A 50 4.79 8.22 -2.45
N LEU A 51 3.57 8.06 -2.97
CA LEU A 51 3.34 7.17 -4.10
C LEU A 51 2.78 7.94 -5.29
N PRO A 52 3.21 7.57 -6.50
CA PRO A 52 2.76 8.21 -7.74
C PRO A 52 1.30 7.90 -8.06
N ASP A 53 0.65 8.81 -8.78
CA ASP A 53 -0.75 8.63 -9.14
C ASP A 53 -0.95 7.33 -9.93
N SER A 54 0.11 6.89 -10.60
CA SER A 54 0.06 5.66 -11.39
C SER A 54 -0.54 4.52 -10.57
N VAL A 55 -0.30 4.55 -9.27
CA VAL A 55 -0.81 3.52 -8.37
C VAL A 55 -1.47 4.13 -7.14
N PRO A 56 -2.77 4.46 -7.26
CA PRO A 56 -3.54 5.06 -6.17
C PRO A 56 -3.80 4.07 -5.04
N ILE A 57 -3.61 4.54 -3.80
CA ILE A 57 -3.82 3.70 -2.63
C ILE A 57 -5.22 3.09 -2.63
N ARG A 58 -5.51 2.28 -1.62
CA ARG A 58 -6.82 1.64 -1.50
C ARG A 58 -7.90 2.68 -1.22
N VAL A 59 -8.84 2.81 -2.14
CA VAL A 59 -9.94 3.76 -1.98
C VAL A 59 -11.16 3.10 -1.33
N PRO A 60 -12.00 3.92 -0.70
CA PRO A 60 -13.21 3.44 -0.03
C PRO A 60 -14.27 2.95 -1.02
N GLY A 61 -14.39 1.63 -1.13
CA GLY A 61 -15.37 1.06 -2.04
C GLY A 61 -15.28 -0.45 -2.11
N LYS A 62 -15.76 -1.02 -3.21
CA LYS A 62 -15.73 -2.47 -3.40
C LYS A 62 -14.47 -2.89 -4.16
N CYS A 63 -14.18 -4.19 -4.12
CA CYS A 63 -13.01 -4.73 -4.80
C CYS A 63 -13.42 -5.49 -6.06
N GLN A 64 -12.59 -5.39 -7.11
CA GLN A 64 -12.87 -6.07 -8.36
C GLN A 64 -11.59 -6.66 -8.95
N VAL A 1 3.31 13.37 -5.16
CA VAL A 1 3.30 12.15 -4.36
C VAL A 1 2.62 12.36 -3.02
N ARG A 2 1.94 11.33 -2.53
CA ARG A 2 1.24 11.41 -1.25
C ARG A 2 1.34 10.08 -0.51
N ASP A 3 1.30 10.15 0.83
CA ASP A 3 1.38 8.96 1.65
C ASP A 3 -0.01 8.39 1.93
N ALA A 4 -0.11 7.07 1.97
CA ALA A 4 -1.38 6.40 2.22
C ALA A 4 -1.21 4.88 2.21
N TYR A 5 -2.33 4.17 2.34
CA TYR A 5 -2.30 2.71 2.35
C TYR A 5 -2.31 2.15 0.93
N ILE A 6 -1.13 1.77 0.45
CA ILE A 6 -1.00 1.21 -0.89
C ILE A 6 -1.83 -0.05 -1.05
N ALA A 7 -2.32 -0.27 -2.26
CA ALA A 7 -3.14 -1.44 -2.55
C ALA A 7 -3.05 -1.82 -4.02
N LYS A 8 -3.64 -2.97 -4.37
CA LYS A 8 -3.62 -3.44 -5.75
C LYS A 8 -5.05 -3.55 -6.30
N PRO A 9 -5.22 -3.22 -7.59
CA PRO A 9 -6.52 -3.27 -8.25
C PRO A 9 -7.00 -4.70 -8.46
N GLU A 10 -8.31 -4.86 -8.63
CA GLU A 10 -9.22 -3.73 -8.60
C GLU A 10 -9.63 -3.39 -7.17
N ASN A 11 -9.20 -2.22 -6.69
CA ASN A 11 -9.51 -1.79 -5.34
C ASN A 11 -9.41 -2.94 -4.35
N CYS A 12 -8.18 -3.39 -4.10
CA CYS A 12 -7.95 -4.49 -3.18
C CYS A 12 -6.77 -4.19 -2.25
N VAL A 13 -6.96 -4.44 -0.96
CA VAL A 13 -5.92 -4.19 0.03
C VAL A 13 -4.74 -5.14 -0.17
N TYR A 14 -3.61 -4.80 0.42
CA TYR A 14 -2.40 -5.62 0.31
C TYR A 14 -1.87 -6.00 1.69
N GLU A 15 -2.27 -7.17 2.17
CA GLU A 15 -1.84 -7.66 3.47
C GLU A 15 -0.43 -8.22 3.40
N CYS A 16 0.35 -8.00 4.45
CA CYS A 16 1.73 -8.48 4.51
C CYS A 16 2.13 -8.81 5.94
N GLY A 17 3.40 -9.15 6.14
CA GLY A 17 3.89 -9.48 7.47
C GLY A 17 4.66 -10.78 7.48
N ILE A 18 4.18 -11.76 6.74
CA ILE A 18 4.83 -13.07 6.67
C ILE A 18 6.16 -12.98 5.91
N THR A 19 6.19 -12.12 4.89
CA THR A 19 7.39 -11.94 4.09
C THR A 19 7.93 -10.53 4.21
N GLN A 20 7.02 -9.56 4.38
CA GLN A 20 7.42 -8.16 4.51
C GLN A 20 8.22 -7.70 3.31
N ASP A 21 7.54 -7.11 2.33
CA ASP A 21 8.19 -6.63 1.12
C ASP A 21 7.54 -5.33 0.64
N CYS A 22 6.91 -4.61 1.56
CA CYS A 22 6.26 -3.35 1.23
C CYS A 22 7.26 -2.32 0.74
N ASN A 23 8.38 -2.19 1.45
CA ASN A 23 9.42 -1.25 1.08
C ASN A 23 9.92 -1.52 -0.33
N LYS A 24 10.09 -2.79 -0.66
CA LYS A 24 10.57 -3.18 -1.99
C LYS A 24 9.56 -2.81 -3.06
N LEU A 25 8.30 -3.21 -2.84
CA LEU A 25 7.24 -2.91 -3.79
C LEU A 25 7.07 -1.41 -3.97
N CYS A 26 6.95 -0.69 -2.87
CA CYS A 26 6.78 0.76 -2.90
C CYS A 26 7.90 1.42 -3.72
N THR A 27 9.14 1.07 -3.38
CA THR A 27 10.30 1.63 -4.07
C THR A 27 10.25 1.30 -5.56
N GLU A 28 10.04 0.03 -5.88
CA GLU A 28 9.98 -0.42 -7.27
C GLU A 28 8.89 0.33 -8.03
N ASN A 29 7.85 0.73 -7.32
CA ASN A 29 6.74 1.46 -7.93
C ASN A 29 7.14 2.91 -8.23
N GLY A 30 8.11 3.41 -7.47
CA GLY A 30 8.57 4.77 -7.67
C GLY A 30 8.26 5.67 -6.50
N ALA A 31 7.83 5.07 -5.39
CA ALA A 31 7.49 5.82 -4.19
C ALA A 31 8.74 6.19 -3.41
N GLU A 32 8.58 7.03 -2.38
CA GLU A 32 9.70 7.47 -1.57
C GLU A 32 10.06 6.40 -0.54
N SER A 33 9.07 5.94 0.22
CA SER A 33 9.30 4.92 1.24
C SER A 33 8.08 4.00 1.36
N GLY A 34 8.28 2.86 2.03
CA GLY A 34 7.19 1.92 2.19
C GLY A 34 7.52 0.85 3.22
N TYR A 35 6.51 0.39 3.95
CA TYR A 35 6.69 -0.63 4.97
C TYR A 35 5.37 -1.35 5.27
N CYS A 36 5.44 -2.34 6.15
CA CYS A 36 4.25 -3.09 6.53
C CYS A 36 3.64 -2.54 7.82
N GLN A 37 2.47 -1.92 7.69
CA GLN A 37 1.79 -1.34 8.84
C GLN A 37 0.98 -2.40 9.58
N TRP A 38 1.63 -3.05 10.54
CA TRP A 38 0.97 -4.09 11.33
C TRP A 38 0.19 -3.49 12.49
N GLY A 39 -1.04 -3.08 12.22
CA GLY A 39 -1.88 -2.49 13.26
C GLY A 39 -2.48 -1.16 12.83
N GLY A 40 -3.48 -1.21 11.96
CA GLY A 40 -4.12 0.00 11.49
C GLY A 40 -5.62 -0.15 11.37
N LYS A 41 -6.24 0.75 10.60
CA LYS A 41 -7.69 0.71 10.40
C LYS A 41 -8.14 -0.67 9.95
N TYR A 42 -7.52 -1.18 8.89
CA TYR A 42 -7.87 -2.50 8.37
C TYR A 42 -6.91 -3.56 8.91
N GLY A 43 -6.33 -3.30 10.07
CA GLY A 43 -5.42 -4.24 10.68
C GLY A 43 -4.03 -4.17 10.06
N ASN A 44 -3.51 -5.32 9.66
CA ASN A 44 -2.18 -5.40 9.06
C ASN A 44 -2.25 -5.14 7.55
N ALA A 45 -1.71 -4.01 7.12
CA ALA A 45 -1.71 -3.65 5.71
C ALA A 45 -0.41 -2.97 5.32
N CYS A 46 -0.03 -3.09 4.06
CA CYS A 46 1.19 -2.48 3.55
C CYS A 46 1.01 -0.98 3.36
N TRP A 47 1.77 -0.20 4.11
CA TRP A 47 1.70 1.26 4.02
C TRP A 47 2.77 1.80 3.08
N CYS A 48 2.46 2.93 2.44
CA CYS A 48 3.40 3.55 1.51
C CYS A 48 3.51 5.05 1.78
N ILE A 49 4.72 5.59 1.60
CA ILE A 49 4.95 7.01 1.82
C ILE A 49 5.39 7.69 0.53
N LYS A 50 4.66 8.73 0.15
CA LYS A 50 4.97 9.49 -1.07
C LYS A 50 4.79 8.62 -2.30
N LEU A 51 3.56 8.52 -2.77
CA LEU A 51 3.25 7.72 -3.96
C LEU A 51 2.60 8.57 -5.04
N PRO A 52 3.05 8.38 -6.29
CA PRO A 52 2.52 9.11 -7.43
C PRO A 52 1.08 8.71 -7.78
N ASP A 53 0.37 9.61 -8.45
CA ASP A 53 -1.01 9.36 -8.84
C ASP A 53 -1.11 8.07 -9.66
N SER A 54 -0.04 7.74 -10.38
CA SER A 54 -0.01 6.55 -11.20
C SER A 54 -0.49 5.32 -10.42
N VAL A 55 -0.22 5.33 -9.13
CA VAL A 55 -0.62 4.23 -8.26
C VAL A 55 -1.51 4.71 -7.12
N PRO A 56 -2.82 4.80 -7.40
CA PRO A 56 -3.80 5.26 -6.40
C PRO A 56 -4.01 4.24 -5.27
N ILE A 57 -3.83 4.70 -4.05
CA ILE A 57 -4.00 3.83 -2.88
C ILE A 57 -5.37 3.19 -2.87
N ARG A 58 -5.63 2.38 -1.86
CA ARG A 58 -6.91 1.69 -1.72
C ARG A 58 -8.03 2.69 -1.42
N VAL A 59 -8.99 2.79 -2.33
CA VAL A 59 -10.11 3.70 -2.17
C VAL A 59 -11.29 3.01 -1.49
N PRO A 60 -12.16 3.81 -0.85
CA PRO A 60 -13.34 3.29 -0.15
C PRO A 60 -14.39 2.76 -1.11
N GLY A 61 -14.47 1.44 -1.20
CA GLY A 61 -15.45 0.82 -2.08
C GLY A 61 -15.31 -0.69 -2.14
N LYS A 62 -15.78 -1.29 -3.23
CA LYS A 62 -15.71 -2.74 -3.39
C LYS A 62 -14.44 -3.13 -4.16
N CYS A 63 -14.11 -4.42 -4.13
CA CYS A 63 -12.94 -4.92 -4.82
C CYS A 63 -13.33 -5.74 -6.05
N GLN A 64 -12.53 -5.63 -7.10
CA GLN A 64 -12.80 -6.36 -8.34
C GLN A 64 -11.51 -6.92 -8.93
N VAL A 1 3.49 13.60 -5.16
CA VAL A 1 3.21 12.35 -4.45
C VAL A 1 2.64 12.63 -3.07
N ARG A 2 2.11 11.59 -2.44
CA ARG A 2 1.53 11.71 -1.10
C ARG A 2 1.50 10.37 -0.39
N ASP A 3 1.56 10.39 0.94
CA ASP A 3 1.53 9.17 1.73
C ASP A 3 0.11 8.63 1.85
N ALA A 4 0.00 7.32 1.98
CA ALA A 4 -1.30 6.67 2.11
C ALA A 4 -1.16 5.15 2.21
N TYR A 5 -2.29 4.46 2.25
CA TYR A 5 -2.29 3.00 2.35
C TYR A 5 -2.20 2.36 0.97
N ILE A 6 -0.98 2.06 0.54
CA ILE A 6 -0.76 1.43 -0.76
C ILE A 6 -1.53 0.13 -0.88
N ALA A 7 -1.99 -0.17 -2.09
CA ALA A 7 -2.74 -1.40 -2.35
C ALA A 7 -2.59 -1.84 -3.80
N LYS A 8 -3.19 -2.98 -4.13
CA LYS A 8 -3.11 -3.52 -5.49
C LYS A 8 -4.52 -3.68 -6.08
N PRO A 9 -4.66 -3.34 -7.36
CA PRO A 9 -5.94 -3.45 -8.08
C PRO A 9 -6.35 -4.90 -8.31
N GLU A 10 -7.65 -5.11 -8.52
CA GLU A 10 -8.60 -4.00 -8.54
C GLU A 10 -9.08 -3.68 -7.13
N ASN A 11 -8.71 -2.48 -6.66
CA ASN A 11 -9.10 -2.05 -5.32
C ASN A 11 -8.98 -3.18 -4.32
N CYS A 12 -7.74 -3.56 -4.01
CA CYS A 12 -7.49 -4.64 -3.07
C CYS A 12 -6.36 -4.28 -2.11
N VAL A 13 -6.57 -4.52 -0.82
CA VAL A 13 -5.57 -4.21 0.19
C VAL A 13 -4.43 -5.23 0.15
N TYR A 14 -3.30 -4.87 0.77
CA TYR A 14 -2.14 -5.75 0.82
C TYR A 14 -1.78 -6.11 2.26
N GLU A 15 -2.18 -7.31 2.67
CA GLU A 15 -1.90 -7.78 4.02
C GLU A 15 -0.46 -8.27 4.15
N CYS A 16 0.27 -7.69 5.09
CA CYS A 16 1.67 -8.08 5.30
C CYS A 16 1.78 -9.14 6.40
N GLY A 17 2.99 -9.65 6.60
CA GLY A 17 3.21 -10.67 7.61
C GLY A 17 3.61 -12.00 7.01
N ILE A 18 3.14 -12.27 5.80
CA ILE A 18 3.46 -13.52 5.12
C ILE A 18 4.66 -13.35 4.19
N THR A 19 4.75 -12.19 3.56
CA THR A 19 5.84 -11.89 2.65
C THR A 19 6.26 -10.42 2.73
N GLN A 20 6.82 -10.04 3.88
CA GLN A 20 7.25 -8.66 4.09
C GLN A 20 8.15 -8.19 2.95
N ASP A 21 7.63 -7.28 2.14
CA ASP A 21 8.39 -6.75 1.00
C ASP A 21 7.77 -5.45 0.50
N CYS A 22 7.08 -4.75 1.39
CA CYS A 22 6.43 -3.48 1.04
C CYS A 22 7.45 -2.50 0.46
N ASN A 23 8.61 -2.40 1.11
CA ASN A 23 9.66 -1.50 0.65
C ASN A 23 10.05 -1.81 -0.79
N LYS A 24 10.15 -3.09 -1.11
CA LYS A 24 10.52 -3.52 -2.46
C LYS A 24 9.44 -3.12 -3.47
N LEU A 25 8.19 -3.45 -3.16
CA LEU A 25 7.08 -3.13 -4.04
C LEU A 25 6.95 -1.62 -4.23
N CYS A 26 6.91 -0.90 -3.12
CA CYS A 26 6.80 0.55 -3.16
C CYS A 26 7.88 1.17 -4.05
N THR A 27 9.12 0.77 -3.80
CA THR A 27 10.25 1.28 -4.56
C THR A 27 10.10 0.95 -6.05
N GLU A 28 9.83 -0.32 -6.33
CA GLU A 28 9.65 -0.77 -7.71
C GLU A 28 8.54 0.01 -8.40
N ASN A 29 7.57 0.45 -7.63
CA ASN A 29 6.44 1.20 -8.17
C ASN A 29 6.85 2.64 -8.49
N GLY A 30 7.90 3.11 -7.81
CA GLY A 30 8.37 4.46 -8.03
C GLY A 30 8.03 5.39 -6.89
N ALA A 31 7.72 4.81 -5.74
CA ALA A 31 7.37 5.61 -4.56
C ALA A 31 8.61 5.95 -3.75
N GLU A 32 8.42 6.73 -2.69
CA GLU A 32 9.53 7.13 -1.82
C GLU A 32 9.86 6.04 -0.81
N SER A 33 8.94 5.82 0.12
CA SER A 33 9.13 4.81 1.16
C SER A 33 7.93 3.86 1.22
N GLY A 34 8.17 2.65 1.71
CA GLY A 34 7.09 1.68 1.82
C GLY A 34 7.39 0.61 2.85
N TYR A 35 6.44 0.39 3.76
CA TYR A 35 6.61 -0.61 4.81
C TYR A 35 5.27 -1.23 5.19
N CYS A 36 5.31 -2.25 6.04
CA CYS A 36 4.10 -2.93 6.49
C CYS A 36 3.52 -2.27 7.73
N GLN A 37 2.30 -1.77 7.63
CA GLN A 37 1.64 -1.11 8.75
C GLN A 37 0.80 -2.11 9.55
N TRP A 38 1.42 -2.77 10.51
CA TRP A 38 0.73 -3.74 11.34
C TRP A 38 0.01 -3.07 12.50
N GLY A 39 -1.21 -2.60 12.24
CA GLY A 39 -1.98 -1.93 13.27
C GLY A 39 -2.51 -0.59 12.82
N GLY A 40 -3.54 -0.61 11.97
CA GLY A 40 -4.12 0.63 11.48
C GLY A 40 -5.63 0.53 11.33
N LYS A 41 -6.20 1.41 10.51
CA LYS A 41 -7.64 1.43 10.28
C LYS A 41 -8.14 0.04 9.90
N TYR A 42 -7.53 -0.54 8.88
CA TYR A 42 -7.92 -1.87 8.42
C TYR A 42 -7.04 -2.96 9.05
N GLY A 43 -6.47 -2.65 10.21
CA GLY A 43 -5.62 -3.59 10.89
C GLY A 43 -4.24 -3.68 10.28
N ASN A 44 -3.82 -4.88 9.90
CA ASN A 44 -2.51 -5.08 9.31
C ASN A 44 -2.56 -4.85 7.80
N ALA A 45 -2.10 -3.68 7.37
CA ALA A 45 -2.09 -3.34 5.95
C ALA A 45 -0.78 -2.67 5.56
N CYS A 46 -0.38 -2.85 4.31
CA CYS A 46 0.86 -2.27 3.80
C CYS A 46 0.70 -0.77 3.59
N TRP A 47 1.55 0.01 4.24
CA TRP A 47 1.51 1.47 4.11
C TRP A 47 2.72 1.98 3.35
N CYS A 48 2.53 3.09 2.64
CA CYS A 48 3.61 3.69 1.86
C CYS A 48 3.63 5.21 2.05
N ILE A 49 4.82 5.80 1.91
CA ILE A 49 4.98 7.24 2.06
C ILE A 49 5.42 7.88 0.75
N LYS A 50 4.73 8.95 0.36
CA LYS A 50 5.06 9.65 -0.87
C LYS A 50 4.86 8.76 -2.09
N LEU A 51 3.61 8.60 -2.51
CA LEU A 51 3.28 7.78 -3.66
C LEU A 51 2.76 8.62 -4.82
N PRO A 52 3.13 8.23 -6.04
CA PRO A 52 2.72 8.94 -7.26
C PRO A 52 1.23 8.78 -7.54
N ASP A 53 0.62 9.83 -8.11
CA ASP A 53 -0.80 9.80 -8.43
C ASP A 53 -1.13 8.61 -9.33
N SER A 54 -0.21 8.28 -10.24
CA SER A 54 -0.40 7.17 -11.17
C SER A 54 -0.83 5.91 -10.41
N VAL A 55 -0.36 5.78 -9.18
CA VAL A 55 -0.69 4.63 -8.35
C VAL A 55 -1.59 5.02 -7.18
N PRO A 56 -2.90 5.05 -7.42
CA PRO A 56 -3.89 5.41 -6.40
C PRO A 56 -4.02 4.36 -5.31
N ILE A 57 -3.83 4.77 -4.07
CA ILE A 57 -3.92 3.85 -2.94
C ILE A 57 -5.28 3.14 -2.91
N ARG A 58 -5.48 2.32 -1.90
CA ARG A 58 -6.73 1.58 -1.76
C ARG A 58 -7.91 2.53 -1.49
N VAL A 59 -8.86 2.56 -2.42
CA VAL A 59 -10.02 3.43 -2.28
C VAL A 59 -11.18 2.69 -1.61
N PRO A 60 -12.10 3.45 -1.00
CA PRO A 60 -13.27 2.89 -0.32
C PRO A 60 -14.27 2.29 -1.29
N GLY A 61 -14.29 0.97 -1.38
CA GLY A 61 -15.21 0.30 -2.28
C GLY A 61 -14.99 -1.21 -2.31
N LYS A 62 -15.44 -1.84 -3.39
CA LYS A 62 -15.30 -3.29 -3.55
C LYS A 62 -14.00 -3.62 -4.28
N CYS A 63 -13.60 -4.89 -4.21
CA CYS A 63 -12.38 -5.34 -4.86
C CYS A 63 -12.71 -6.18 -6.09
N GLN A 64 -11.89 -6.05 -7.13
CA GLN A 64 -12.09 -6.79 -8.37
C GLN A 64 -10.76 -7.29 -8.93
N VAL A 1 3.83 13.26 -5.06
CA VAL A 1 3.48 12.03 -4.34
C VAL A 1 2.95 12.34 -2.95
N ARG A 2 2.36 11.34 -2.31
CA ARG A 2 1.81 11.50 -0.97
C ARG A 2 1.70 10.15 -0.26
N ASP A 3 1.85 10.16 1.06
CA ASP A 3 1.77 8.94 1.85
C ASP A 3 0.34 8.44 1.92
N ALA A 4 0.18 7.13 2.05
CA ALA A 4 -1.14 6.52 2.12
C ALA A 4 -1.04 5.00 2.23
N TYR A 5 -2.18 4.33 2.22
CA TYR A 5 -2.23 2.88 2.32
C TYR A 5 -2.18 2.23 0.94
N ILE A 6 -0.97 1.93 0.47
CA ILE A 6 -0.79 1.30 -0.84
C ILE A 6 -1.59 0.01 -0.94
N ALA A 7 -2.05 -0.30 -2.15
CA ALA A 7 -2.84 -1.50 -2.39
C ALA A 7 -2.71 -1.96 -3.84
N LYS A 8 -3.32 -3.10 -4.15
CA LYS A 8 -3.28 -3.64 -5.50
C LYS A 8 -4.68 -3.79 -6.07
N PRO A 9 -4.84 -3.46 -7.37
CA PRO A 9 -6.13 -3.55 -8.05
C PRO A 9 -6.57 -4.99 -8.28
N GLU A 10 -7.87 -5.18 -8.48
CA GLU A 10 -8.81 -4.07 -8.49
C GLU A 10 -9.26 -3.72 -7.07
N ASN A 11 -8.88 -2.53 -6.61
CA ASN A 11 -9.24 -2.08 -5.27
C ASN A 11 -9.11 -3.22 -4.27
N CYS A 12 -7.88 -3.61 -3.97
CA CYS A 12 -7.63 -4.69 -3.02
C CYS A 12 -6.48 -4.32 -2.09
N VAL A 13 -6.66 -4.57 -0.80
CA VAL A 13 -5.64 -4.26 0.19
C VAL A 13 -4.49 -5.26 0.11
N TYR A 14 -3.36 -4.89 0.70
CA TYR A 14 -2.17 -5.73 0.68
C TYR A 14 -1.76 -6.12 2.10
N GLU A 15 -2.10 -7.35 2.50
CA GLU A 15 -1.77 -7.84 3.83
C GLU A 15 -0.27 -8.10 3.95
N CYS A 16 0.34 -7.55 5.00
CA CYS A 16 1.77 -7.73 5.23
C CYS A 16 2.02 -8.80 6.29
N GLY A 17 3.27 -8.90 6.75
CA GLY A 17 3.62 -9.88 7.75
C GLY A 17 3.96 -11.23 7.15
N ILE A 18 4.48 -11.21 5.93
CA ILE A 18 4.84 -12.44 5.24
C ILE A 18 6.24 -12.33 4.64
N THR A 19 6.42 -11.39 3.71
CA THR A 19 7.70 -11.19 3.06
C THR A 19 8.37 -9.91 3.54
N GLN A 20 7.54 -8.94 3.97
CA GLN A 20 8.05 -7.67 4.46
C GLN A 20 8.89 -6.98 3.39
N ASP A 21 8.39 -6.99 2.15
CA ASP A 21 9.09 -6.35 1.05
C ASP A 21 8.33 -5.12 0.56
N CYS A 22 7.56 -4.52 1.45
CA CYS A 22 6.77 -3.34 1.11
C CYS A 22 7.66 -2.26 0.48
N ASN A 23 8.74 -1.92 1.17
CA ASN A 23 9.67 -0.91 0.67
C ASN A 23 10.11 -1.22 -0.76
N LYS A 24 10.31 -2.49 -1.05
CA LYS A 24 10.73 -2.92 -2.37
C LYS A 24 9.62 -2.67 -3.40
N LEU A 25 8.42 -3.10 -3.07
CA LEU A 25 7.28 -2.91 -3.97
C LEU A 25 7.04 -1.43 -4.25
N CYS A 26 7.02 -0.63 -3.19
CA CYS A 26 6.80 0.80 -3.31
C CYS A 26 7.86 1.43 -4.22
N THR A 27 9.13 1.23 -3.87
CA THR A 27 10.23 1.77 -4.65
C THR A 27 10.09 1.42 -6.12
N GLU A 28 9.93 0.14 -6.41
CA GLU A 28 9.79 -0.33 -7.79
C GLU A 28 8.64 0.38 -8.48
N ASN A 29 7.55 0.59 -7.75
CA ASN A 29 6.37 1.26 -8.30
C ASN A 29 6.69 2.71 -8.66
N GLY A 30 7.70 3.27 -7.99
CA GLY A 30 8.09 4.65 -8.25
C GLY A 30 7.81 5.56 -7.07
N ALA A 31 7.62 4.96 -5.90
CA ALA A 31 7.35 5.73 -4.69
C ALA A 31 8.63 6.03 -3.92
N GLU A 32 8.48 6.61 -2.74
CA GLU A 32 9.64 6.94 -1.90
C GLU A 32 10.02 5.77 -1.00
N SER A 33 9.11 5.42 -0.09
CA SER A 33 9.34 4.33 0.83
C SER A 33 8.03 3.66 1.23
N GLY A 34 8.11 2.75 2.21
CA GLY A 34 6.92 2.07 2.67
C GLY A 34 7.24 0.97 3.67
N TYR A 35 6.27 0.67 4.55
CA TYR A 35 6.46 -0.36 5.56
C TYR A 35 5.16 -1.10 5.82
N CYS A 36 5.22 -2.12 6.67
CA CYS A 36 4.05 -2.92 7.00
C CYS A 36 3.32 -2.33 8.21
N GLN A 37 2.12 -1.81 7.97
CA GLN A 37 1.32 -1.22 9.03
C GLN A 37 0.48 -2.28 9.74
N TRP A 38 1.08 -2.91 10.75
CA TRP A 38 0.38 -3.95 11.50
C TRP A 38 -0.45 -3.34 12.62
N GLY A 39 -1.68 -2.94 12.28
CA GLY A 39 -2.56 -2.34 13.26
C GLY A 39 -3.08 -0.97 12.83
N GLY A 40 -4.04 -0.97 11.91
CA GLY A 40 -4.60 0.27 11.43
C GLY A 40 -6.11 0.20 11.26
N LYS A 41 -6.66 1.17 10.54
CA LYS A 41 -8.10 1.21 10.30
C LYS A 41 -8.61 -0.12 9.76
N TYR A 42 -7.97 -0.60 8.70
CA TYR A 42 -8.36 -1.87 8.09
C TYR A 42 -7.51 -3.02 8.63
N GLY A 43 -6.98 -2.85 9.83
CA GLY A 43 -6.14 -3.87 10.43
C GLY A 43 -4.71 -3.82 9.93
N ASN A 44 -4.15 -4.99 9.66
CA ASN A 44 -2.77 -5.07 9.17
C ASN A 44 -2.71 -4.86 7.66
N ALA A 45 -2.23 -3.69 7.25
CA ALA A 45 -2.12 -3.36 5.84
C ALA A 45 -0.76 -2.77 5.51
N CYS A 46 -0.32 -2.94 4.27
CA CYS A 46 0.98 -2.42 3.83
C CYS A 46 0.90 -0.93 3.58
N TRP A 47 1.58 -0.15 4.41
CA TRP A 47 1.60 1.31 4.27
C TRP A 47 2.76 1.76 3.40
N CYS A 48 2.59 2.89 2.72
CA CYS A 48 3.62 3.43 1.85
C CYS A 48 3.80 4.92 2.08
N ILE A 49 5.03 5.41 1.92
CA ILE A 49 5.32 6.81 2.11
C ILE A 49 5.67 7.48 0.78
N LYS A 50 4.93 8.55 0.46
CA LYS A 50 5.15 9.27 -0.79
C LYS A 50 4.88 8.39 -2.00
N LEU A 51 3.61 8.29 -2.37
CA LEU A 51 3.22 7.48 -3.52
C LEU A 51 2.77 8.35 -4.68
N PRO A 52 3.12 7.93 -5.91
CA PRO A 52 2.75 8.66 -7.13
C PRO A 52 1.26 8.59 -7.42
N ASP A 53 0.71 9.68 -7.96
CA ASP A 53 -0.70 9.74 -8.29
C ASP A 53 -1.10 8.59 -9.21
N SER A 54 -0.22 8.26 -10.15
CA SER A 54 -0.48 7.18 -11.09
C SER A 54 -0.93 5.92 -10.35
N VAL A 55 -0.42 5.73 -9.15
CA VAL A 55 -0.76 4.57 -8.34
C VAL A 55 -1.65 4.96 -7.15
N PRO A 56 -2.95 5.01 -7.38
CA PRO A 56 -3.93 5.38 -6.34
C PRO A 56 -4.06 4.30 -5.27
N ILE A 57 -3.86 4.69 -4.02
CA ILE A 57 -3.95 3.76 -2.90
C ILE A 57 -5.32 3.07 -2.88
N ARG A 58 -5.52 2.22 -1.87
CA ARG A 58 -6.79 1.50 -1.73
C ARG A 58 -7.93 2.46 -1.44
N VAL A 59 -8.90 2.52 -2.35
CA VAL A 59 -10.05 3.40 -2.19
C VAL A 59 -11.20 2.67 -1.51
N PRO A 60 -12.10 3.44 -0.89
CA PRO A 60 -13.28 2.89 -0.20
C PRO A 60 -14.30 2.32 -1.16
N GLY A 61 -14.34 0.99 -1.25
CA GLY A 61 -15.29 0.34 -2.14
C GLY A 61 -15.09 -1.17 -2.18
N LYS A 62 -15.56 -1.79 -3.26
CA LYS A 62 -15.43 -3.23 -3.42
C LYS A 62 -14.15 -3.59 -4.16
N CYS A 63 -13.76 -4.87 -4.09
CA CYS A 63 -12.55 -5.34 -4.76
C CYS A 63 -12.90 -6.18 -5.99
N GLN A 64 -12.09 -6.05 -7.03
CA GLN A 64 -12.32 -6.80 -8.26
C GLN A 64 -10.99 -7.31 -8.83
N VAL A 1 3.45 13.20 -5.46
CA VAL A 1 3.25 11.98 -4.69
C VAL A 1 2.79 12.28 -3.27
N ARG A 2 2.15 11.31 -2.63
CA ARG A 2 1.66 11.47 -1.27
C ARG A 2 1.59 10.13 -0.55
N ASP A 3 1.72 10.16 0.77
CA ASP A 3 1.66 8.95 1.58
C ASP A 3 0.23 8.48 1.75
N ALA A 4 0.05 7.16 1.83
CA ALA A 4 -1.28 6.59 1.99
C ALA A 4 -1.21 5.06 2.05
N TYR A 5 -2.37 4.42 2.11
CA TYR A 5 -2.44 2.97 2.17
C TYR A 5 -2.49 2.37 0.77
N ILE A 6 -1.32 2.01 0.24
CA ILE A 6 -1.22 1.43 -1.09
C ILE A 6 -1.98 0.11 -1.16
N ALA A 7 -2.55 -0.18 -2.33
CA ALA A 7 -3.30 -1.41 -2.53
C ALA A 7 -3.21 -1.87 -3.98
N LYS A 8 -3.79 -3.04 -4.26
CA LYS A 8 -3.77 -3.60 -5.61
C LYS A 8 -5.19 -3.73 -6.16
N PRO A 9 -5.36 -3.39 -7.45
CA PRO A 9 -6.66 -3.47 -8.12
C PRO A 9 -7.13 -4.90 -8.32
N GLU A 10 -8.44 -5.08 -8.50
CA GLU A 10 -9.36 -3.96 -8.49
C GLU A 10 -9.77 -3.59 -7.06
N ASN A 11 -9.36 -2.41 -6.61
CA ASN A 11 -9.69 -1.96 -5.27
C ASN A 11 -9.56 -3.09 -4.26
N CYS A 12 -8.33 -3.50 -3.98
CA CYS A 12 -8.07 -4.59 -3.04
C CYS A 12 -6.89 -4.25 -2.14
N VAL A 13 -7.06 -4.48 -0.84
CA VAL A 13 -6.01 -4.21 0.13
C VAL A 13 -4.85 -5.18 -0.01
N TYR A 14 -3.71 -4.83 0.55
CA TYR A 14 -2.52 -5.68 0.48
C TYR A 14 -2.06 -6.09 1.88
N GLU A 15 -2.40 -7.33 2.27
CA GLU A 15 -2.02 -7.84 3.58
C GLU A 15 -0.53 -8.16 3.63
N CYS A 16 0.14 -7.69 4.67
CA CYS A 16 1.57 -7.93 4.84
C CYS A 16 1.82 -9.02 5.87
N GLY A 17 3.08 -9.17 6.27
CA GLY A 17 3.43 -10.18 7.25
C GLY A 17 4.01 -11.43 6.61
N ILE A 18 4.39 -11.31 5.35
CA ILE A 18 4.96 -12.44 4.61
C ILE A 18 6.48 -12.38 4.61
N THR A 19 7.03 -11.41 3.88
CA THR A 19 8.47 -11.23 3.78
C THR A 19 8.89 -9.84 4.28
N GLN A 20 7.96 -9.13 4.90
CA GLN A 20 8.23 -7.79 5.42
C GLN A 20 9.04 -6.99 4.41
N ASP A 21 8.74 -7.16 3.13
CA ASP A 21 9.44 -6.44 2.08
C ASP A 21 8.57 -5.31 1.52
N CYS A 22 7.72 -4.75 2.38
CA CYS A 22 6.84 -3.66 1.97
C CYS A 22 7.64 -2.51 1.37
N ASN A 23 8.67 -2.07 2.09
CA ASN A 23 9.52 -0.98 1.63
C ASN A 23 10.02 -1.24 0.21
N LYS A 24 10.35 -2.50 -0.07
CA LYS A 24 10.85 -2.88 -1.39
C LYS A 24 9.75 -2.76 -2.44
N LEU A 25 8.61 -3.38 -2.17
CA LEU A 25 7.48 -3.33 -3.10
C LEU A 25 7.05 -1.89 -3.36
N CYS A 26 6.94 -1.12 -2.30
CA CYS A 26 6.54 0.29 -2.41
C CYS A 26 7.53 1.06 -3.27
N THR A 27 8.82 0.93 -2.94
CA THR A 27 9.87 1.63 -3.68
C THR A 27 9.86 1.22 -5.15
N GLU A 28 9.89 -0.09 -5.40
CA GLU A 28 9.89 -0.60 -6.77
C GLU A 28 8.70 -0.06 -7.55
N ASN A 29 7.55 -0.01 -6.89
CA ASN A 29 6.33 0.49 -7.54
C ASN A 29 6.51 1.93 -8.02
N GLY A 30 7.42 2.65 -7.36
CA GLY A 30 7.67 4.03 -7.74
C GLY A 30 7.47 4.99 -6.57
N ALA A 31 7.24 4.44 -5.39
CA ALA A 31 7.04 5.25 -4.19
C ALA A 31 8.36 5.59 -3.53
N GLU A 32 8.35 6.60 -2.66
CA GLU A 32 9.55 7.03 -1.96
C GLU A 32 9.95 6.00 -0.89
N SER A 33 8.96 5.51 -0.16
CA SER A 33 9.20 4.54 0.90
C SER A 33 7.94 3.76 1.22
N GLY A 34 8.01 2.95 2.28
CA GLY A 34 6.85 2.15 2.67
C GLY A 34 7.22 1.07 3.68
N TYR A 35 6.20 0.45 4.27
CA TYR A 35 6.41 -0.60 5.25
C TYR A 35 5.12 -1.36 5.53
N CYS A 36 5.23 -2.43 6.30
CA CYS A 36 4.06 -3.25 6.64
C CYS A 36 3.38 -2.73 7.89
N GLN A 37 2.21 -2.12 7.72
CA GLN A 37 1.45 -1.57 8.84
C GLN A 37 0.54 -2.63 9.45
N TRP A 38 1.13 -3.54 10.22
CA TRP A 38 0.37 -4.60 10.85
C TRP A 38 -0.64 -4.03 11.87
N GLY A 39 -0.44 -2.77 12.22
CA GLY A 39 -1.34 -2.13 13.17
C GLY A 39 -1.86 -0.80 12.66
N GLY A 40 -2.95 -0.85 11.89
CA GLY A 40 -3.53 0.36 11.36
C GLY A 40 -4.90 0.12 10.75
N LYS A 41 -5.23 0.89 9.72
CA LYS A 41 -6.53 0.77 9.05
C LYS A 41 -6.80 -0.69 8.68
N TYR A 42 -8.01 -1.15 8.96
CA TYR A 42 -8.40 -2.52 8.65
C TYR A 42 -7.39 -3.51 9.21
N GLY A 43 -6.73 -3.13 10.30
CA GLY A 43 -5.74 -3.99 10.92
C GLY A 43 -4.40 -3.94 10.21
N ASN A 44 -3.94 -5.08 9.73
CA ASN A 44 -2.66 -5.17 9.03
C ASN A 44 -2.81 -4.76 7.57
N ALA A 45 -1.94 -3.87 7.11
CA ALA A 45 -1.97 -3.40 5.73
C ALA A 45 -0.64 -2.76 5.34
N CYS A 46 -0.22 -3.01 4.10
CA CYS A 46 1.04 -2.47 3.60
C CYS A 46 0.90 -0.97 3.34
N TRP A 47 1.59 -0.18 4.14
CA TRP A 47 1.56 1.28 4.00
C TRP A 47 2.62 1.75 3.01
N CYS A 48 2.34 2.86 2.33
CA CYS A 48 3.27 3.42 1.36
C CYS A 48 3.52 4.90 1.64
N ILE A 49 4.76 5.34 1.42
CA ILE A 49 5.13 6.73 1.64
C ILE A 49 5.48 7.43 0.34
N LYS A 50 4.74 8.48 0.02
CA LYS A 50 4.99 9.24 -1.21
C LYS A 50 4.71 8.38 -2.44
N LEU A 51 3.45 8.31 -2.83
CA LEU A 51 3.05 7.52 -3.99
C LEU A 51 2.46 8.41 -5.09
N PRO A 52 2.86 8.17 -6.34
CA PRO A 52 2.39 8.94 -7.49
C PRO A 52 0.92 8.66 -7.81
N ASP A 53 0.27 9.61 -8.47
CA ASP A 53 -1.13 9.46 -8.84
C ASP A 53 -1.35 8.20 -9.67
N SER A 54 -0.34 7.83 -10.46
CA SER A 54 -0.42 6.66 -11.30
C SER A 54 -0.86 5.43 -10.50
N VAL A 55 -0.51 5.41 -9.22
CA VAL A 55 -0.87 4.31 -8.34
C VAL A 55 -1.81 4.77 -7.24
N PRO A 56 -3.11 4.77 -7.53
CA PRO A 56 -4.15 5.18 -6.57
C PRO A 56 -4.30 4.20 -5.43
N ILE A 57 -4.17 4.69 -4.20
CA ILE A 57 -4.31 3.86 -3.02
C ILE A 57 -5.67 3.16 -2.98
N ARG A 58 -5.91 2.40 -1.93
CA ARG A 58 -7.18 1.68 -1.77
C ARG A 58 -8.31 2.66 -1.48
N VAL A 59 -9.27 2.72 -2.40
CA VAL A 59 -10.42 3.61 -2.24
C VAL A 59 -11.57 2.90 -1.52
N PRO A 60 -12.45 3.69 -0.89
CA PRO A 60 -13.60 3.16 -0.17
C PRO A 60 -14.66 2.57 -1.10
N GLY A 61 -14.71 1.25 -1.16
CA GLY A 61 -15.67 0.58 -2.02
C GLY A 61 -15.49 -0.93 -2.04
N LYS A 62 -15.96 -1.57 -3.11
CA LYS A 62 -15.85 -3.01 -3.25
C LYS A 62 -14.59 -3.39 -4.02
N CYS A 63 -14.23 -4.67 -3.97
CA CYS A 63 -13.04 -5.16 -4.67
C CYS A 63 -13.44 -5.98 -5.89
N GLN A 64 -12.65 -5.88 -6.95
CA GLN A 64 -12.92 -6.61 -8.18
C GLN A 64 -11.62 -7.16 -8.78
N VAL A 1 3.14 13.40 -5.44
CA VAL A 1 2.91 12.15 -4.72
C VAL A 1 2.06 12.38 -3.48
N ARG A 2 1.62 11.29 -2.86
CA ARG A 2 0.80 11.37 -1.66
C ARG A 2 0.99 10.12 -0.79
N ASP A 3 0.93 10.31 0.52
CA ASP A 3 1.08 9.20 1.46
C ASP A 3 -0.27 8.58 1.80
N ALA A 4 -0.29 7.25 1.91
CA ALA A 4 -1.52 6.53 2.23
C ALA A 4 -1.28 5.03 2.24
N TYR A 5 -2.36 4.27 2.44
CA TYR A 5 -2.27 2.81 2.47
C TYR A 5 -2.20 2.24 1.06
N ILE A 6 -0.99 1.85 0.65
CA ILE A 6 -0.78 1.28 -0.67
C ILE A 6 -1.61 0.01 -0.87
N ALA A 7 -2.11 -0.19 -2.09
CA ALA A 7 -2.92 -1.36 -2.40
C ALA A 7 -2.80 -1.72 -3.88
N LYS A 8 -3.40 -2.85 -4.25
CA LYS A 8 -3.36 -3.31 -5.63
C LYS A 8 -4.76 -3.44 -6.20
N PRO A 9 -4.92 -3.10 -7.49
CA PRO A 9 -6.21 -3.17 -8.18
C PRO A 9 -6.66 -4.62 -8.41
N GLU A 10 -7.97 -4.79 -8.60
CA GLU A 10 -8.90 -3.67 -8.59
C GLU A 10 -9.35 -3.35 -7.17
N ASN A 11 -8.94 -2.19 -6.68
CA ASN A 11 -9.29 -1.75 -5.33
C ASN A 11 -9.19 -2.91 -4.35
N CYS A 12 -7.96 -3.34 -4.07
CA CYS A 12 -7.73 -4.43 -3.14
C CYS A 12 -6.59 -4.11 -2.19
N VAL A 13 -6.81 -4.37 -0.91
CA VAL A 13 -5.80 -4.10 0.12
C VAL A 13 -4.64 -5.09 0.01
N TYR A 14 -3.52 -4.73 0.64
CA TYR A 14 -2.34 -5.59 0.61
C TYR A 14 -1.87 -5.91 2.02
N GLU A 15 -2.31 -7.06 2.54
CA GLU A 15 -1.93 -7.48 3.88
C GLU A 15 -0.65 -8.31 3.85
N CYS A 16 0.32 -7.89 4.67
CA CYS A 16 1.60 -8.60 4.73
C CYS A 16 1.72 -9.38 6.04
N GLY A 17 2.73 -10.24 6.11
CA GLY A 17 2.93 -11.05 7.30
C GLY A 17 3.47 -12.43 6.98
N ILE A 18 4.37 -12.50 6.00
CA ILE A 18 4.97 -13.77 5.61
C ILE A 18 6.43 -13.58 5.19
N THR A 19 6.66 -12.68 4.24
CA THR A 19 8.01 -12.41 3.76
C THR A 19 8.40 -10.96 4.01
N GLN A 20 7.41 -10.08 4.01
CA GLN A 20 7.65 -8.65 4.24
C GLN A 20 8.52 -8.07 3.13
N ASP A 21 7.89 -7.27 2.26
CA ASP A 21 8.60 -6.65 1.15
C ASP A 21 7.97 -5.31 0.79
N CYS A 22 7.35 -4.67 1.78
CA CYS A 22 6.70 -3.37 1.57
C CYS A 22 7.67 -2.38 0.93
N ASN A 23 8.84 -2.22 1.55
CA ASN A 23 9.85 -1.31 1.04
C ASN A 23 10.13 -1.57 -0.44
N LYS A 24 10.15 -2.83 -0.81
CA LYS A 24 10.40 -3.22 -2.20
C LYS A 24 9.26 -2.76 -3.11
N LEU A 25 8.04 -3.05 -2.71
CA LEU A 25 6.86 -2.67 -3.48
C LEU A 25 6.76 -1.16 -3.60
N CYS A 26 7.02 -0.45 -2.50
CA CYS A 26 6.96 1.00 -2.47
C CYS A 26 7.96 1.60 -3.45
N THR A 27 9.22 1.18 -3.32
CA THR A 27 10.29 1.68 -4.19
C THR A 27 9.97 1.39 -5.66
N GLU A 28 9.67 0.13 -5.96
CA GLU A 28 9.35 -0.26 -7.33
C GLU A 28 8.21 0.59 -7.89
N ASN A 29 7.21 0.85 -7.06
CA ASN A 29 6.06 1.65 -7.47
C ASN A 29 6.48 3.08 -7.80
N GLY A 30 7.60 3.51 -7.21
CA GLY A 30 8.09 4.86 -7.46
C GLY A 30 7.75 5.81 -6.32
N ALA A 31 7.61 5.26 -5.11
CA ALA A 31 7.28 6.07 -3.95
C ALA A 31 8.53 6.38 -3.13
N GLU A 32 8.41 7.33 -2.21
CA GLU A 32 9.53 7.72 -1.36
C GLU A 32 9.97 6.56 -0.47
N SER A 33 9.04 6.06 0.34
CA SER A 33 9.33 4.96 1.24
C SER A 33 8.07 4.52 1.98
N GLY A 34 7.98 3.21 2.25
CA GLY A 34 6.82 2.68 2.93
C GLY A 34 7.18 1.52 3.85
N TYR A 35 6.24 1.15 4.71
CA TYR A 35 6.46 0.05 5.65
C TYR A 35 5.24 -0.85 5.73
N CYS A 36 5.31 -1.88 6.57
CA CYS A 36 4.21 -2.81 6.75
C CYS A 36 3.40 -2.49 8.01
N GLN A 37 2.15 -2.10 7.82
CA GLN A 37 1.28 -1.75 8.94
C GLN A 37 0.44 -2.96 9.35
N TRP A 38 1.04 -3.85 10.12
CA TRP A 38 0.34 -5.05 10.60
C TRP A 38 -0.93 -4.67 11.35
N GLY A 39 -0.96 -3.45 11.89
CA GLY A 39 -2.12 -2.99 12.63
C GLY A 39 -2.36 -1.51 12.46
N GLY A 40 -3.23 -1.16 11.51
CA GLY A 40 -3.53 0.24 11.27
C GLY A 40 -4.99 0.47 10.96
N LYS A 41 -5.28 1.49 10.16
CA LYS A 41 -6.65 1.82 9.78
C LYS A 41 -7.38 0.59 9.25
N TYR A 42 -6.79 -0.03 8.24
CA TYR A 42 -7.38 -1.22 7.63
C TYR A 42 -6.79 -2.50 8.23
N GLY A 43 -6.29 -2.39 9.46
CA GLY A 43 -5.71 -3.53 10.14
C GLY A 43 -4.35 -3.89 9.58
N ASN A 44 -4.19 -5.15 9.19
CA ASN A 44 -2.92 -5.62 8.64
C ASN A 44 -2.79 -5.26 7.16
N ALA A 45 -2.23 -4.09 6.90
CA ALA A 45 -2.04 -3.63 5.53
C ALA A 45 -0.71 -2.91 5.37
N CYS A 46 -0.23 -2.84 4.13
CA CYS A 46 1.04 -2.18 3.83
C CYS A 46 0.83 -0.69 3.59
N TRP A 47 1.62 0.12 4.29
CA TRP A 47 1.54 1.57 4.15
C TRP A 47 2.71 2.12 3.34
N CYS A 48 2.45 3.18 2.58
CA CYS A 48 3.49 3.80 1.77
C CYS A 48 3.47 5.32 1.91
N ILE A 49 4.64 5.93 1.83
CA ILE A 49 4.75 7.38 1.95
C ILE A 49 5.21 8.01 0.64
N LYS A 50 4.42 8.97 0.15
CA LYS A 50 4.74 9.65 -1.10
C LYS A 50 4.64 8.70 -2.28
N LEU A 51 3.43 8.48 -2.77
CA LEU A 51 3.20 7.59 -3.89
C LEU A 51 2.68 8.37 -5.10
N PRO A 52 3.11 7.96 -6.30
CA PRO A 52 2.71 8.60 -7.55
C PRO A 52 1.24 8.33 -7.89
N ASP A 53 0.61 9.28 -8.58
CA ASP A 53 -0.79 9.14 -8.97
C ASP A 53 -1.01 7.87 -9.79
N SER A 54 0.01 7.48 -10.54
CA SER A 54 -0.07 6.29 -11.38
C SER A 54 -0.58 5.10 -10.57
N VAL A 55 -0.28 5.10 -9.28
CA VAL A 55 -0.72 4.01 -8.40
C VAL A 55 -1.48 4.56 -7.21
N PRO A 56 -2.80 4.75 -7.38
CA PRO A 56 -3.67 5.26 -6.32
C PRO A 56 -3.88 4.25 -5.20
N ILE A 57 -3.71 4.72 -3.96
CA ILE A 57 -3.88 3.85 -2.80
C ILE A 57 -5.26 3.19 -2.80
N ARG A 58 -5.51 2.38 -1.78
CA ARG A 58 -6.79 1.68 -1.67
C ARG A 58 -7.92 2.66 -1.37
N VAL A 59 -8.86 2.77 -2.30
CA VAL A 59 -10.00 3.67 -2.14
C VAL A 59 -11.18 2.96 -1.48
N PRO A 60 -12.06 3.74 -0.86
CA PRO A 60 -13.25 3.20 -0.18
C PRO A 60 -14.28 2.66 -1.16
N GLY A 61 -14.36 1.33 -1.28
CA GLY A 61 -15.30 0.71 -2.18
C GLY A 61 -15.14 -0.79 -2.24
N LYS A 62 -15.61 -1.38 -3.33
CA LYS A 62 -15.52 -2.83 -3.52
C LYS A 62 -14.23 -3.20 -4.26
N CYS A 63 -13.88 -4.48 -4.20
CA CYS A 63 -12.68 -4.98 -4.86
C CYS A 63 -13.04 -5.83 -6.08
N GLN A 64 -12.20 -5.75 -7.11
CA GLN A 64 -12.44 -6.52 -8.33
C GLN A 64 -11.12 -7.06 -8.89
N VAL A 1 3.71 13.52 -4.87
CA VAL A 1 3.45 12.23 -4.23
C VAL A 1 2.82 12.43 -2.84
N ARG A 2 2.16 11.39 -2.35
CA ARG A 2 1.51 11.45 -1.05
C ARG A 2 1.45 10.06 -0.41
N ASP A 3 1.54 10.02 0.92
CA ASP A 3 1.48 8.77 1.64
C ASP A 3 0.06 8.23 1.72
N ALA A 4 -0.07 6.91 1.79
CA ALA A 4 -1.38 6.27 1.85
C ALA A 4 -1.26 4.76 1.95
N TYR A 5 -2.39 4.07 1.94
CA TYR A 5 -2.41 2.61 2.02
C TYR A 5 -2.39 1.98 0.64
N ILE A 6 -1.23 1.50 0.22
CA ILE A 6 -1.08 0.87 -1.09
C ILE A 6 -1.92 -0.40 -1.18
N ALA A 7 -2.47 -0.66 -2.36
CA ALA A 7 -3.28 -1.83 -2.59
C ALA A 7 -3.28 -2.23 -4.06
N LYS A 8 -3.97 -3.33 -4.37
CA LYS A 8 -4.05 -3.82 -5.74
C LYS A 8 -5.50 -3.90 -6.22
N PRO A 9 -5.73 -3.51 -7.49
CA PRO A 9 -7.06 -3.53 -8.08
C PRO A 9 -7.57 -4.95 -8.33
N GLU A 10 -8.89 -5.09 -8.44
CA GLU A 10 -9.79 -3.95 -8.34
C GLU A 10 -10.13 -3.64 -6.89
N ASN A 11 -9.67 -2.49 -6.41
CA ASN A 11 -9.94 -2.08 -5.03
C ASN A 11 -9.78 -3.25 -4.08
N CYS A 12 -8.54 -3.70 -3.90
CA CYS A 12 -8.25 -4.82 -3.01
C CYS A 12 -7.01 -4.53 -2.16
N VAL A 13 -7.12 -4.81 -0.86
CA VAL A 13 -6.01 -4.58 0.06
C VAL A 13 -4.87 -5.56 -0.20
N TYR A 14 -3.70 -5.26 0.35
CA TYR A 14 -2.54 -6.11 0.18
C TYR A 14 -1.94 -6.51 1.53
N GLU A 15 -2.17 -7.76 1.92
CA GLU A 15 -1.67 -8.27 3.19
C GLU A 15 -0.15 -8.14 3.27
N CYS A 16 0.36 -7.90 4.47
CA CYS A 16 1.79 -7.75 4.67
C CYS A 16 2.25 -8.53 5.91
N GLY A 17 3.57 -8.61 6.10
CA GLY A 17 4.11 -9.33 7.24
C GLY A 17 4.53 -10.74 6.88
N ILE A 18 3.99 -11.27 5.79
CA ILE A 18 4.31 -12.62 5.35
C ILE A 18 5.67 -12.66 4.66
N THR A 19 5.96 -11.61 3.88
CA THR A 19 7.23 -11.53 3.16
C THR A 19 8.05 -10.34 3.63
N GLN A 20 7.37 -9.33 4.17
CA GLN A 20 8.04 -8.13 4.67
C GLN A 20 8.92 -7.52 3.58
N ASP A 21 8.29 -6.90 2.59
CA ASP A 21 9.01 -6.27 1.50
C ASP A 21 8.26 -5.04 0.98
N CYS A 22 7.40 -4.48 1.83
CA CYS A 22 6.62 -3.31 1.44
C CYS A 22 7.53 -2.20 0.93
N ASN A 23 8.56 -1.88 1.69
CA ASN A 23 9.50 -0.84 1.30
C ASN A 23 10.02 -1.05 -0.12
N LYS A 24 10.25 -2.31 -0.47
CA LYS A 24 10.74 -2.66 -1.80
C LYS A 24 9.68 -2.39 -2.85
N LEU A 25 8.50 -2.97 -2.65
CA LEU A 25 7.39 -2.80 -3.58
C LEU A 25 7.11 -1.31 -3.82
N CYS A 26 7.03 -0.55 -2.74
CA CYS A 26 6.76 0.88 -2.83
C CYS A 26 7.85 1.58 -3.64
N THR A 27 9.10 1.42 -3.21
CA THR A 27 10.23 2.03 -3.89
C THR A 27 10.24 1.68 -5.37
N GLU A 28 10.17 0.39 -5.67
CA GLU A 28 10.17 -0.07 -7.06
C GLU A 28 9.07 0.62 -7.86
N ASN A 29 7.89 0.72 -7.25
CA ASN A 29 6.75 1.36 -7.92
C ASN A 29 7.03 2.83 -8.17
N GLY A 30 7.94 3.41 -7.39
CA GLY A 30 8.28 4.81 -7.55
C GLY A 30 8.02 5.62 -6.29
N ALA A 31 7.58 4.93 -5.23
CA ALA A 31 7.31 5.59 -3.96
C ALA A 31 8.59 5.90 -3.21
N GLU A 32 8.50 6.80 -2.25
CA GLU A 32 9.66 7.19 -1.44
C GLU A 32 10.04 6.08 -0.46
N SER A 33 9.08 5.67 0.35
CA SER A 33 9.31 4.61 1.34
C SER A 33 8.06 3.76 1.52
N GLY A 34 8.11 2.87 2.51
CA GLY A 34 6.97 2.00 2.77
C GLY A 34 7.26 0.99 3.87
N TYR A 35 6.22 0.30 4.31
CA TYR A 35 6.36 -0.70 5.37
C TYR A 35 5.05 -1.44 5.61
N CYS A 36 5.11 -2.51 6.39
CA CYS A 36 3.93 -3.31 6.70
C CYS A 36 3.18 -2.73 7.88
N GLN A 37 2.03 -2.12 7.61
CA GLN A 37 1.21 -1.52 8.66
C GLN A 37 0.40 -2.59 9.39
N TRP A 38 1.03 -3.25 10.37
CA TRP A 38 0.37 -4.29 11.13
C TRP A 38 -0.40 -3.70 12.30
N GLY A 39 -1.64 -3.28 12.03
CA GLY A 39 -2.47 -2.69 13.07
C GLY A 39 -2.90 -1.27 12.74
N GLY A 40 -3.63 -1.12 11.63
CA GLY A 40 -4.09 0.19 11.22
C GLY A 40 -5.58 0.22 10.94
N LYS A 41 -6.01 1.16 10.11
CA LYS A 41 -7.42 1.29 9.76
C LYS A 41 -7.99 -0.04 9.29
N TYR A 42 -7.28 -0.68 8.36
CA TYR A 42 -7.72 -1.97 7.83
C TYR A 42 -6.93 -3.11 8.45
N GLY A 43 -6.41 -2.89 9.65
CA GLY A 43 -5.64 -3.91 10.33
C GLY A 43 -4.25 -4.07 9.76
N ASN A 44 -3.90 -5.29 9.36
CA ASN A 44 -2.59 -5.57 8.79
C ASN A 44 -2.60 -5.38 7.28
N ALA A 45 -2.03 -4.26 6.83
CA ALA A 45 -1.98 -3.97 5.40
C ALA A 45 -0.67 -3.26 5.04
N CYS A 46 -0.26 -3.38 3.78
CA CYS A 46 0.96 -2.75 3.31
C CYS A 46 0.76 -1.25 3.10
N TRP A 47 1.61 -0.45 3.73
CA TRP A 47 1.52 1.01 3.61
C TRP A 47 2.66 1.54 2.76
N CYS A 48 2.40 2.64 2.05
CA CYS A 48 3.40 3.26 1.20
C CYS A 48 3.56 4.74 1.52
N ILE A 49 4.80 5.20 1.56
CA ILE A 49 5.09 6.60 1.87
C ILE A 49 5.47 7.37 0.61
N LYS A 50 4.73 8.43 0.32
CA LYS A 50 5.00 9.26 -0.85
C LYS A 50 4.79 8.45 -2.13
N LEU A 51 3.54 8.37 -2.57
CA LEU A 51 3.20 7.63 -3.79
C LEU A 51 2.77 8.59 -4.90
N PRO A 52 3.26 8.33 -6.12
CA PRO A 52 2.93 9.16 -7.28
C PRO A 52 1.48 8.99 -7.72
N ASP A 53 0.94 10.01 -8.38
CA ASP A 53 -0.44 9.98 -8.86
C ASP A 53 -0.70 8.73 -9.70
N SER A 54 0.22 8.46 -10.63
CA SER A 54 0.09 7.30 -11.51
C SER A 54 -0.16 6.03 -10.69
N VAL A 55 0.34 6.02 -9.45
CA VAL A 55 0.18 4.86 -8.58
C VAL A 55 -0.78 5.18 -7.44
N PRO A 56 -2.08 5.01 -7.69
CA PRO A 56 -3.13 5.27 -6.69
C PRO A 56 -3.11 4.24 -5.56
N ILE A 57 -3.92 4.50 -4.54
CA ILE A 57 -4.00 3.60 -3.39
C ILE A 57 -5.41 3.03 -3.24
N ARG A 58 -5.61 2.26 -2.19
CA ARG A 58 -6.91 1.64 -1.92
C ARG A 58 -7.97 2.71 -1.66
N VAL A 59 -9.13 2.55 -2.30
CA VAL A 59 -10.22 3.51 -2.14
C VAL A 59 -11.39 2.88 -1.38
N PRO A 60 -12.24 3.74 -0.79
CA PRO A 60 -13.40 3.29 -0.03
C PRO A 60 -14.48 2.69 -0.91
N GLY A 61 -14.56 1.36 -0.94
CA GLY A 61 -15.55 0.68 -1.74
C GLY A 61 -15.38 -0.82 -1.72
N LYS A 62 -16.01 -1.49 -2.69
CA LYS A 62 -15.93 -2.95 -2.78
C LYS A 62 -14.76 -3.37 -3.67
N CYS A 63 -14.38 -4.65 -3.56
CA CYS A 63 -13.28 -5.18 -4.36
C CYS A 63 -13.80 -5.94 -5.57
N GLN A 64 -13.05 -5.88 -6.67
CA GLN A 64 -13.44 -6.57 -7.89
C GLN A 64 -12.21 -7.09 -8.63
N VAL A 1 3.54 13.08 -5.56
CA VAL A 1 3.54 11.90 -4.71
C VAL A 1 2.67 12.09 -3.47
N ARG A 2 2.02 11.02 -3.04
CA ARG A 2 1.15 11.07 -1.86
C ARG A 2 1.36 9.86 -0.98
N ASP A 3 1.20 10.05 0.33
CA ASP A 3 1.37 8.96 1.30
C ASP A 3 0.02 8.40 1.71
N ALA A 4 -0.06 7.06 1.81
CA ALA A 4 -1.29 6.41 2.20
C ALA A 4 -1.11 4.88 2.20
N TYR A 5 -2.20 4.17 2.47
CA TYR A 5 -2.16 2.71 2.51
C TYR A 5 -2.18 2.14 1.10
N ILE A 6 -1.01 1.68 0.65
CA ILE A 6 -0.89 1.10 -0.69
C ILE A 6 -1.76 -0.14 -0.83
N ALA A 7 -2.28 -0.37 -2.03
CA ALA A 7 -3.13 -1.52 -2.30
C ALA A 7 -3.03 -1.95 -3.76
N LYS A 8 -3.62 -3.09 -4.08
CA LYS A 8 -3.59 -3.62 -5.43
C LYS A 8 -5.01 -3.70 -6.01
N PRO A 9 -5.14 -3.40 -7.31
CA PRO A 9 -6.42 -3.43 -8.01
C PRO A 9 -6.96 -4.86 -8.18
N GLU A 10 -8.27 -4.97 -8.36
CA GLU A 10 -9.15 -3.81 -8.38
C GLU A 10 -9.55 -3.41 -6.97
N ASN A 11 -9.09 -2.25 -6.54
CA ASN A 11 -9.41 -1.74 -5.20
C ASN A 11 -9.37 -2.88 -4.17
N CYS A 12 -8.17 -3.35 -3.87
CA CYS A 12 -7.99 -4.42 -2.90
C CYS A 12 -6.83 -4.13 -1.97
N VAL A 13 -7.04 -4.34 -0.67
CA VAL A 13 -6.01 -4.10 0.33
C VAL A 13 -4.87 -5.09 0.19
N TYR A 14 -3.73 -4.77 0.81
CA TYR A 14 -2.55 -5.63 0.74
C TYR A 14 -2.05 -5.98 2.14
N GLU A 15 -2.42 -7.16 2.63
CA GLU A 15 -2.01 -7.60 3.95
C GLU A 15 -0.64 -8.29 3.89
N CYS A 16 0.13 -8.15 4.97
CA CYS A 16 1.45 -8.76 5.04
C CYS A 16 1.42 -10.03 5.89
N GLY A 17 2.60 -10.55 6.20
CA GLY A 17 2.69 -11.76 7.00
C GLY A 17 3.36 -12.90 6.26
N ILE A 18 3.77 -12.64 5.03
CA ILE A 18 4.43 -13.65 4.21
C ILE A 18 5.52 -13.03 3.34
N THR A 19 6.64 -12.69 3.97
CA THR A 19 7.77 -12.07 3.26
C THR A 19 7.43 -10.67 2.79
N GLN A 20 7.06 -9.81 3.73
CA GLN A 20 6.71 -8.43 3.42
C GLN A 20 7.79 -7.78 2.57
N ASP A 21 7.48 -6.61 2.02
CA ASP A 21 8.43 -5.89 1.17
C ASP A 21 7.82 -4.56 0.71
N CYS A 22 7.11 -3.89 1.60
CA CYS A 22 6.49 -2.62 1.29
C CYS A 22 7.50 -1.65 0.67
N ASN A 23 8.55 -1.35 1.42
CA ASN A 23 9.60 -0.44 0.95
C ASN A 23 10.05 -0.82 -0.47
N LYS A 24 10.14 -2.12 -0.72
CA LYS A 24 10.55 -2.61 -2.02
C LYS A 24 9.48 -2.34 -3.07
N LEU A 25 8.24 -2.67 -2.75
CA LEU A 25 7.13 -2.46 -3.67
C LEU A 25 6.99 -0.99 -4.02
N CYS A 26 6.98 -0.13 -3.00
CA CYS A 26 6.86 1.31 -3.20
C CYS A 26 8.00 1.83 -4.07
N THR A 27 9.24 1.57 -3.65
CA THR A 27 10.40 2.01 -4.39
C THR A 27 10.32 1.61 -5.85
N GLU A 28 10.10 0.33 -6.09
CA GLU A 28 10.00 -0.19 -7.45
C GLU A 28 8.93 0.56 -8.24
N ASN A 29 7.80 0.83 -7.59
CA ASN A 29 6.69 1.54 -8.23
C ASN A 29 7.09 2.99 -8.53
N GLY A 30 8.09 3.48 -7.82
CA GLY A 30 8.55 4.84 -8.02
C GLY A 30 8.21 5.74 -6.85
N ALA A 31 7.85 5.13 -5.71
CA ALA A 31 7.50 5.89 -4.52
C ALA A 31 8.76 6.25 -3.72
N GLU A 32 8.56 6.79 -2.53
CA GLU A 32 9.67 7.17 -1.67
C GLU A 32 10.02 6.06 -0.69
N SER A 33 9.11 5.79 0.24
CA SER A 33 9.33 4.75 1.24
C SER A 33 8.05 3.97 1.50
N GLY A 34 8.08 3.09 2.49
CA GLY A 34 6.91 2.28 2.81
C GLY A 34 7.22 1.21 3.83
N TYR A 35 6.19 0.74 4.52
CA TYR A 35 6.35 -0.30 5.53
C TYR A 35 5.02 -1.01 5.80
N CYS A 36 5.11 -2.17 6.44
CA CYS A 36 3.92 -2.96 6.75
C CYS A 36 3.36 -2.56 8.11
N GLN A 37 2.19 -1.95 8.10
CA GLN A 37 1.54 -1.52 9.34
C GLN A 37 0.69 -2.64 9.93
N TRP A 38 1.29 -3.39 10.85
CA TRP A 38 0.58 -4.50 11.49
C TRP A 38 -0.23 -4.00 12.69
N GLY A 39 -1.44 -3.55 12.42
CA GLY A 39 -2.30 -3.05 13.47
C GLY A 39 -2.74 -1.62 13.25
N GLY A 40 -3.65 -1.42 12.30
CA GLY A 40 -4.13 -0.08 12.01
C GLY A 40 -5.62 -0.05 11.76
N LYS A 41 -6.07 0.93 10.96
CA LYS A 41 -7.49 1.07 10.65
C LYS A 41 -8.06 -0.25 10.16
N TYR A 42 -7.38 -0.87 9.21
CA TYR A 42 -7.82 -2.14 8.64
C TYR A 42 -6.96 -3.30 9.15
N GLY A 43 -6.36 -3.10 10.32
CA GLY A 43 -5.51 -4.14 10.88
C GLY A 43 -4.14 -4.17 10.26
N ASN A 44 -3.71 -5.35 9.81
CA ASN A 44 -2.41 -5.53 9.20
C ASN A 44 -2.49 -5.25 7.69
N ALA A 45 -1.86 -4.16 7.26
CA ALA A 45 -1.85 -3.79 5.85
C ALA A 45 -0.52 -3.15 5.46
N CYS A 46 -0.31 -3.00 4.15
CA CYS A 46 0.93 -2.40 3.65
C CYS A 46 0.76 -0.90 3.45
N TRP A 47 1.65 -0.12 4.04
CA TRP A 47 1.60 1.33 3.92
C TRP A 47 2.75 1.84 3.04
N CYS A 48 2.48 2.93 2.31
CA CYS A 48 3.49 3.51 1.43
C CYS A 48 3.60 5.02 1.66
N ILE A 49 4.79 5.56 1.47
CA ILE A 49 5.02 6.99 1.66
C ILE A 49 5.48 7.64 0.37
N LYS A 50 4.73 8.64 -0.09
CA LYS A 50 5.06 9.35 -1.32
C LYS A 50 4.99 8.42 -2.53
N LEU A 51 3.79 8.26 -3.07
CA LEU A 51 3.58 7.40 -4.22
C LEU A 51 2.97 8.19 -5.38
N PRO A 52 3.39 7.85 -6.61
CA PRO A 52 2.90 8.51 -7.83
C PRO A 52 1.44 8.15 -8.13
N ASP A 53 0.74 9.06 -8.80
CA ASP A 53 -0.65 8.84 -9.15
C ASP A 53 -0.82 7.55 -9.94
N SER A 54 0.24 7.15 -10.64
CA SER A 54 0.21 5.94 -11.44
C SER A 54 -0.39 4.78 -10.66
N VAL A 55 -0.16 4.78 -9.34
CA VAL A 55 -0.69 3.73 -8.47
C VAL A 55 -1.37 4.33 -7.24
N PRO A 56 -2.66 4.63 -7.38
CA PRO A 56 -3.46 5.20 -6.29
C PRO A 56 -3.71 4.20 -5.16
N ILE A 57 -3.55 4.66 -3.93
CA ILE A 57 -3.77 3.81 -2.76
C ILE A 57 -5.16 3.20 -2.78
N ARG A 58 -5.48 2.43 -1.73
CA ARG A 58 -6.79 1.78 -1.62
C ARG A 58 -7.88 2.83 -1.39
N VAL A 59 -8.81 2.94 -2.33
CA VAL A 59 -9.90 3.88 -2.21
C VAL A 59 -11.11 3.25 -1.53
N PRO A 60 -11.96 4.10 -0.94
CA PRO A 60 -13.17 3.64 -0.24
C PRO A 60 -14.23 3.10 -1.21
N GLY A 61 -14.35 1.77 -1.25
CA GLY A 61 -15.32 1.16 -2.13
C GLY A 61 -15.23 -0.35 -2.13
N LYS A 62 -15.70 -0.98 -3.20
CA LYS A 62 -15.67 -2.43 -3.31
C LYS A 62 -14.41 -2.89 -4.05
N CYS A 63 -14.13 -4.19 -3.98
CA CYS A 63 -12.96 -4.76 -4.63
C CYS A 63 -13.36 -5.60 -5.84
N GLN A 64 -12.54 -5.55 -6.89
CA GLN A 64 -12.82 -6.31 -8.10
C GLN A 64 -11.54 -6.92 -8.66
N VAL A 1 3.31 13.41 -5.21
CA VAL A 1 3.28 12.20 -4.38
C VAL A 1 2.45 12.41 -3.13
N ARG A 2 1.78 11.36 -2.69
CA ARG A 2 0.94 11.43 -1.51
C ARG A 2 1.11 10.18 -0.64
N ASP A 3 0.98 10.35 0.67
CA ASP A 3 1.13 9.24 1.61
C ASP A 3 -0.23 8.62 1.93
N ALA A 4 -0.25 7.29 2.03
CA ALA A 4 -1.49 6.58 2.33
C ALA A 4 -1.26 5.07 2.35
N TYR A 5 -2.33 4.31 2.52
CA TYR A 5 -2.25 2.86 2.55
C TYR A 5 -2.17 2.28 1.15
N ILE A 6 -0.96 1.94 0.72
CA ILE A 6 -0.76 1.37 -0.61
C ILE A 6 -1.53 0.07 -0.78
N ALA A 7 -2.03 -0.15 -1.98
CA ALA A 7 -2.79 -1.37 -2.28
C ALA A 7 -2.62 -1.79 -3.74
N LYS A 8 -3.19 -2.92 -4.09
CA LYS A 8 -3.11 -3.43 -5.45
C LYS A 8 -4.49 -3.55 -6.08
N PRO A 9 -4.60 -3.18 -7.36
CA PRO A 9 -5.86 -3.24 -8.11
C PRO A 9 -6.31 -4.66 -8.38
N GLU A 10 -7.61 -4.84 -8.63
CA GLU A 10 -8.53 -3.72 -8.64
C GLU A 10 -9.03 -3.41 -7.23
N ASN A 11 -8.65 -2.25 -6.71
CA ASN A 11 -9.06 -1.83 -5.38
C ASN A 11 -8.97 -3.01 -4.40
N CYS A 12 -7.75 -3.42 -4.08
CA CYS A 12 -7.54 -4.52 -3.15
C CYS A 12 -6.42 -4.20 -2.16
N VAL A 13 -6.68 -4.47 -0.88
CA VAL A 13 -5.70 -4.20 0.17
C VAL A 13 -4.56 -5.22 0.13
N TYR A 14 -3.46 -4.88 0.76
CA TYR A 14 -2.29 -5.75 0.81
C TYR A 14 -1.93 -6.12 2.24
N GLU A 15 -2.28 -7.34 2.65
CA GLU A 15 -1.99 -7.81 3.99
C GLU A 15 -0.51 -8.15 4.14
N CYS A 16 0.10 -7.66 5.21
CA CYS A 16 1.52 -7.91 5.47
C CYS A 16 1.69 -8.81 6.69
N GLY A 17 2.91 -9.28 6.90
CA GLY A 17 3.20 -10.14 8.04
C GLY A 17 4.07 -11.32 7.67
N ILE A 18 3.77 -11.94 6.53
CA ILE A 18 4.54 -13.09 6.07
C ILE A 18 5.42 -12.72 4.88
N THR A 19 4.79 -12.21 3.83
CA THR A 19 5.51 -11.81 2.62
C THR A 19 5.90 -10.34 2.68
N GLN A 20 6.46 -9.93 3.81
CA GLN A 20 6.89 -8.54 3.98
C GLN A 20 7.77 -8.08 2.82
N ASP A 21 7.27 -7.10 2.06
CA ASP A 21 8.01 -6.58 0.93
C ASP A 21 7.41 -5.26 0.46
N CYS A 22 6.80 -4.53 1.37
CA CYS A 22 6.17 -3.25 1.05
C CYS A 22 7.20 -2.28 0.48
N ASN A 23 8.30 -2.10 1.19
CA ASN A 23 9.36 -1.19 0.75
C ASN A 23 9.77 -1.50 -0.69
N LYS A 24 9.86 -2.79 -1.00
CA LYS A 24 10.24 -3.21 -2.34
C LYS A 24 9.19 -2.80 -3.37
N LEU A 25 7.95 -3.18 -3.11
CA LEU A 25 6.84 -2.84 -4.01
C LEU A 25 6.72 -1.33 -4.19
N CYS A 26 6.92 -0.60 -3.10
CA CYS A 26 6.83 0.86 -3.13
C CYS A 26 7.89 1.44 -4.08
N THR A 27 9.14 1.07 -3.85
CA THR A 27 10.24 1.55 -4.67
C THR A 27 10.11 1.08 -6.12
N GLU A 28 9.77 -0.20 -6.28
CA GLU A 28 9.60 -0.78 -7.61
C GLU A 28 8.66 0.07 -8.46
N ASN A 29 7.43 0.25 -7.97
CA ASN A 29 6.44 1.03 -8.68
C ASN A 29 6.88 2.49 -8.82
N GLY A 30 7.88 2.87 -8.03
CA GLY A 30 8.39 4.23 -8.08
C GLY A 30 7.81 5.10 -6.99
N ALA A 31 8.07 4.74 -5.73
CA ALA A 31 7.56 5.50 -4.60
C ALA A 31 8.71 5.98 -3.71
N GLU A 32 8.39 6.88 -2.78
CA GLU A 32 9.39 7.42 -1.87
C GLU A 32 9.76 6.39 -0.80
N SER A 33 8.82 6.09 0.08
CA SER A 33 9.04 5.13 1.15
C SER A 33 7.87 4.16 1.27
N GLY A 34 8.15 2.96 1.76
CA GLY A 34 7.11 1.96 1.92
C GLY A 34 7.45 0.94 2.98
N TYR A 35 6.42 0.38 3.62
CA TYR A 35 6.62 -0.62 4.66
C TYR A 35 5.29 -1.23 5.10
N CYS A 36 5.35 -2.25 5.94
CA CYS A 36 4.15 -2.90 6.44
C CYS A 36 3.61 -2.21 7.68
N GLN A 37 2.34 -1.81 7.64
CA GLN A 37 1.71 -1.13 8.75
C GLN A 37 0.91 -2.11 9.61
N TRP A 38 1.56 -2.68 10.61
CA TRP A 38 0.90 -3.63 11.50
C TRP A 38 0.17 -2.91 12.63
N GLY A 39 -1.07 -2.50 12.35
CA GLY A 39 -1.86 -1.80 13.35
C GLY A 39 -2.54 -0.57 12.78
N GLY A 40 -3.55 -0.78 11.95
CA GLY A 40 -4.27 0.33 11.35
C GLY A 40 -5.77 0.11 11.34
N LYS A 41 -6.48 0.88 10.52
CA LYS A 41 -7.93 0.77 10.41
C LYS A 41 -8.34 -0.68 10.17
N TYR A 42 -7.75 -1.29 9.15
CA TYR A 42 -8.06 -2.67 8.80
C TYR A 42 -7.02 -3.63 9.38
N GLY A 43 -6.37 -3.20 10.46
CA GLY A 43 -5.36 -4.02 11.10
C GLY A 43 -4.03 -3.97 10.37
N ASN A 44 -3.51 -5.13 10.01
CA ASN A 44 -2.23 -5.21 9.32
C ASN A 44 -2.40 -4.92 7.83
N ALA A 45 -1.99 -3.74 7.40
CA ALA A 45 -2.10 -3.34 6.00
C ALA A 45 -0.82 -2.66 5.53
N CYS A 46 -0.51 -2.83 4.25
CA CYS A 46 0.69 -2.23 3.66
C CYS A 46 0.54 -0.72 3.54
N TRP A 47 1.48 0.02 4.15
CA TRP A 47 1.44 1.47 4.11
C TRP A 47 2.64 2.02 3.34
N CYS A 48 2.44 3.16 2.68
CA CYS A 48 3.50 3.78 1.91
C CYS A 48 3.47 5.31 2.06
N ILE A 49 4.62 5.94 1.90
CA ILE A 49 4.72 7.39 2.01
C ILE A 49 5.17 8.02 0.71
N LYS A 50 4.44 9.05 0.26
CA LYS A 50 4.77 9.73 -0.98
C LYS A 50 4.70 8.78 -2.17
N LEU A 51 3.51 8.63 -2.73
CA LEU A 51 3.30 7.75 -3.88
C LEU A 51 2.72 8.51 -5.06
N PRO A 52 3.20 8.18 -6.27
CA PRO A 52 2.74 8.83 -7.50
C PRO A 52 1.31 8.45 -7.85
N ASP A 53 0.63 9.34 -8.58
CA ASP A 53 -0.76 9.09 -8.97
C ASP A 53 -0.87 7.81 -9.78
N SER A 54 0.20 7.44 -10.46
CA SER A 54 0.23 6.23 -11.27
C SER A 54 -0.28 5.03 -10.47
N VAL A 55 -0.07 5.07 -9.16
CA VAL A 55 -0.51 3.99 -8.28
C VAL A 55 -1.29 4.54 -7.09
N PRO A 56 -2.60 4.74 -7.29
CA PRO A 56 -3.49 5.27 -6.24
C PRO A 56 -3.71 4.26 -5.12
N ILE A 57 -3.57 4.72 -3.87
CA ILE A 57 -3.77 3.85 -2.72
C ILE A 57 -5.13 3.19 -2.76
N ARG A 58 -5.41 2.36 -1.74
CA ARG A 58 -6.68 1.66 -1.66
C ARG A 58 -7.83 2.64 -1.43
N VAL A 59 -8.75 2.70 -2.39
CA VAL A 59 -9.90 3.60 -2.29
C VAL A 59 -11.09 2.90 -1.67
N PRO A 60 -12.00 3.69 -1.09
CA PRO A 60 -13.21 3.15 -0.45
C PRO A 60 -14.21 2.58 -1.45
N GLY A 61 -14.26 1.25 -1.53
CA GLY A 61 -15.17 0.61 -2.47
C GLY A 61 -14.99 -0.90 -2.49
N LYS A 62 -15.41 -1.52 -3.58
CA LYS A 62 -15.30 -2.97 -3.73
C LYS A 62 -14.01 -3.35 -4.45
N CYS A 63 -13.66 -4.63 -4.38
CA CYS A 63 -12.44 -5.13 -5.03
C CYS A 63 -12.77 -6.00 -6.23
N GLN A 64 -11.91 -5.96 -7.24
CA GLN A 64 -12.12 -6.75 -8.44
C GLN A 64 -10.83 -6.86 -9.25
N VAL A 1 3.17 13.44 -5.15
CA VAL A 1 3.19 12.23 -4.34
C VAL A 1 2.35 12.38 -3.08
N ARG A 2 1.72 11.30 -2.65
CA ARG A 2 0.89 11.32 -1.45
C ARG A 2 1.13 10.07 -0.60
N ASP A 3 0.98 10.22 0.71
CA ASP A 3 1.17 9.12 1.63
C ASP A 3 -0.16 8.48 2.02
N ALA A 4 -0.18 7.16 2.09
CA ALA A 4 -1.39 6.43 2.45
C ALA A 4 -1.16 4.92 2.43
N TYR A 5 -2.22 4.16 2.63
CA TYR A 5 -2.13 2.71 2.66
C TYR A 5 -2.08 2.14 1.23
N ILE A 6 -0.89 1.70 0.82
CA ILE A 6 -0.71 1.15 -0.52
C ILE A 6 -1.51 -0.14 -0.69
N ALA A 7 -2.04 -0.34 -1.90
CA ALA A 7 -2.82 -1.54 -2.19
C ALA A 7 -2.64 -1.96 -3.64
N LYS A 8 -3.22 -3.10 -4.00
CA LYS A 8 -3.13 -3.62 -5.35
C LYS A 8 -4.51 -3.66 -6.02
N PRO A 9 -4.56 -3.26 -7.30
CA PRO A 9 -5.81 -3.25 -8.06
C PRO A 9 -6.31 -4.66 -8.37
N GLU A 10 -7.61 -4.77 -8.65
CA GLU A 10 -8.49 -3.61 -8.65
C GLU A 10 -9.00 -3.31 -7.24
N ASN A 11 -8.57 -2.17 -6.70
CA ASN A 11 -8.98 -1.75 -5.37
C ASN A 11 -8.96 -2.95 -4.41
N CYS A 12 -7.76 -3.39 -4.05
CA CYS A 12 -7.60 -4.53 -3.15
C CYS A 12 -6.47 -4.26 -2.15
N VAL A 13 -6.75 -4.54 -0.88
CA VAL A 13 -5.76 -4.33 0.18
C VAL A 13 -4.58 -5.28 0.02
N TYR A 14 -3.47 -4.96 0.68
CA TYR A 14 -2.26 -5.78 0.61
C TYR A 14 -1.79 -6.18 1.99
N GLU A 15 -2.12 -7.41 2.39
CA GLU A 15 -1.73 -7.92 3.70
C GLU A 15 -0.21 -7.89 3.86
N CYS A 16 0.24 -7.69 5.10
CA CYS A 16 1.66 -7.64 5.40
C CYS A 16 1.98 -8.39 6.68
N GLY A 17 3.24 -8.75 6.86
CA GLY A 17 3.66 -9.46 8.05
C GLY A 17 3.94 -10.93 7.78
N ILE A 18 3.30 -11.48 6.76
CA ILE A 18 3.50 -12.88 6.40
C ILE A 18 4.71 -13.04 5.48
N THR A 19 4.92 -12.05 4.62
CA THR A 19 6.05 -12.09 3.69
C THR A 19 6.92 -10.84 3.82
N GLN A 20 6.28 -9.71 4.07
CA GLN A 20 6.99 -8.45 4.23
C GLN A 20 7.72 -8.08 2.94
N ASP A 21 7.16 -7.15 2.17
CA ASP A 21 7.76 -6.72 0.93
C ASP A 21 7.17 -5.38 0.48
N CYS A 22 6.68 -4.60 1.44
CA CYS A 22 6.09 -3.31 1.13
C CYS A 22 7.14 -2.34 0.59
N ASN A 23 8.24 -2.21 1.32
CA ASN A 23 9.32 -1.32 0.91
C ASN A 23 9.77 -1.62 -0.51
N LYS A 24 9.88 -2.91 -0.82
CA LYS A 24 10.31 -3.33 -2.15
C LYS A 24 9.27 -2.95 -3.20
N LEU A 25 8.03 -3.35 -2.98
CA LEU A 25 6.94 -3.05 -3.90
C LEU A 25 6.82 -1.54 -4.13
N CYS A 26 6.93 -0.78 -3.04
CA CYS A 26 6.83 0.67 -3.12
C CYS A 26 7.94 1.25 -4.00
N THR A 27 9.18 0.91 -3.67
CA THR A 27 10.33 1.40 -4.43
C THR A 27 10.19 1.06 -5.91
N GLU A 28 9.94 -0.22 -6.20
CA GLU A 28 9.79 -0.66 -7.59
C GLU A 28 8.71 0.14 -8.30
N ASN A 29 7.60 0.37 -7.61
CA ASN A 29 6.49 1.14 -8.18
C ASN A 29 6.92 2.56 -8.51
N GLY A 30 7.96 3.03 -7.82
CA GLY A 30 8.45 4.38 -8.05
C GLY A 30 8.05 5.35 -6.97
N ALA A 31 7.80 4.82 -5.78
CA ALA A 31 7.40 5.65 -4.64
C ALA A 31 8.60 6.09 -3.84
N GLU A 32 8.36 6.86 -2.78
CA GLU A 32 9.44 7.35 -1.91
C GLU A 32 9.82 6.31 -0.87
N SER A 33 8.88 6.01 0.04
CA SER A 33 9.13 5.04 1.09
C SER A 33 7.96 4.08 1.21
N GLY A 34 8.23 2.89 1.77
CA GLY A 34 7.19 1.89 1.93
C GLY A 34 7.54 0.86 2.99
N TYR A 35 6.55 0.43 3.75
CA TYR A 35 6.75 -0.55 4.80
C TYR A 35 5.43 -1.21 5.20
N CYS A 36 5.51 -2.17 6.11
CA CYS A 36 4.32 -2.89 6.58
C CYS A 36 3.73 -2.21 7.81
N GLN A 37 2.52 -1.71 7.68
CA GLN A 37 1.84 -1.03 8.78
C GLN A 37 1.01 -2.01 9.60
N TRP A 38 1.61 -2.58 10.63
CA TRP A 38 0.93 -3.55 11.48
C TRP A 38 0.14 -2.84 12.58
N GLY A 39 -1.08 -2.43 12.24
CA GLY A 39 -1.92 -1.74 13.21
C GLY A 39 -2.62 -0.54 12.62
N GLY A 40 -3.64 -0.79 11.80
CA GLY A 40 -4.37 0.29 11.17
C GLY A 40 -5.86 0.02 11.11
N LYS A 41 -6.56 0.78 10.28
CA LYS A 41 -8.01 0.62 10.14
C LYS A 41 -8.37 -0.83 9.85
N TYR A 42 -7.73 -1.41 8.84
CA TYR A 42 -7.99 -2.79 8.46
C TYR A 42 -6.96 -3.73 9.09
N GLY A 43 -6.40 -3.30 10.21
CA GLY A 43 -5.40 -4.11 10.90
C GLY A 43 -4.04 -4.02 10.25
N ASN A 44 -3.47 -5.18 9.93
CA ASN A 44 -2.15 -5.22 9.30
C ASN A 44 -2.26 -5.01 7.80
N ALA A 45 -1.72 -3.89 7.32
CA ALA A 45 -1.76 -3.57 5.90
C ALA A 45 -0.48 -2.85 5.47
N CYS A 46 -0.12 -3.01 4.20
CA CYS A 46 1.08 -2.37 3.66
C CYS A 46 0.89 -0.88 3.50
N TRP A 47 1.74 -0.10 4.16
CA TRP A 47 1.66 1.35 4.09
C TRP A 47 2.80 1.92 3.27
N CYS A 48 2.54 3.04 2.59
CA CYS A 48 3.56 3.68 1.76
C CYS A 48 3.54 5.20 1.97
N ILE A 49 4.68 5.83 1.74
CA ILE A 49 4.80 7.28 1.90
C ILE A 49 5.25 7.93 0.60
N LYS A 50 4.52 8.95 0.17
CA LYS A 50 4.85 9.68 -1.05
C LYS A 50 4.75 8.76 -2.27
N LEU A 51 3.54 8.58 -2.79
CA LEU A 51 3.32 7.74 -3.95
C LEU A 51 2.69 8.53 -5.09
N PRO A 52 3.15 8.24 -6.33
CA PRO A 52 2.66 8.92 -7.53
C PRO A 52 1.22 8.53 -7.87
N ASP A 53 0.53 9.40 -8.58
CA ASP A 53 -0.86 9.15 -8.97
C ASP A 53 -0.97 7.85 -9.77
N SER A 54 0.11 7.50 -10.46
CA SER A 54 0.14 6.29 -11.27
C SER A 54 -0.38 5.09 -10.47
N VAL A 55 -0.17 5.12 -9.16
CA VAL A 55 -0.61 4.04 -8.29
C VAL A 55 -1.34 4.59 -7.07
N PRO A 56 -2.66 4.82 -7.23
CA PRO A 56 -3.50 5.34 -6.15
C PRO A 56 -3.71 4.32 -5.04
N ILE A 57 -3.54 4.77 -3.79
CA ILE A 57 -3.71 3.89 -2.64
C ILE A 57 -5.09 3.24 -2.64
N ARG A 58 -5.34 2.40 -1.65
CA ARG A 58 -6.62 1.71 -1.54
C ARG A 58 -7.75 2.69 -1.29
N VAL A 59 -8.67 2.80 -2.25
CA VAL A 59 -9.81 3.70 -2.13
C VAL A 59 -11.02 2.99 -1.53
N PRO A 60 -11.92 3.77 -0.93
CA PRO A 60 -13.14 3.25 -0.31
C PRO A 60 -14.12 2.71 -1.33
N GLY A 61 -14.19 1.39 -1.45
CA GLY A 61 -15.10 0.78 -2.40
C GLY A 61 -14.94 -0.73 -2.47
N LYS A 62 -15.38 -1.32 -3.57
CA LYS A 62 -15.28 -2.76 -3.76
C LYS A 62 -13.98 -3.13 -4.48
N CYS A 63 -13.65 -4.42 -4.47
CA CYS A 63 -12.45 -4.91 -5.13
C CYS A 63 -12.79 -5.65 -6.41
N GLN A 64 -11.94 -5.51 -7.42
CA GLN A 64 -12.15 -6.18 -8.70
C GLN A 64 -10.83 -6.72 -9.26
N VAL A 1 3.99 13.83 -5.33
CA VAL A 1 3.73 12.58 -4.62
C VAL A 1 3.16 12.83 -3.24
N ARG A 2 2.47 11.83 -2.70
CA ARG A 2 1.86 11.95 -1.38
C ARG A 2 1.66 10.57 -0.75
N ASP A 3 1.76 10.52 0.57
CA ASP A 3 1.59 9.26 1.30
C ASP A 3 0.14 8.79 1.24
N ALA A 4 -0.07 7.49 1.39
CA ALA A 4 -1.40 6.91 1.35
C ALA A 4 -1.36 5.41 1.56
N TYR A 5 -2.51 4.76 1.46
CA TYR A 5 -2.61 3.32 1.64
C TYR A 5 -2.55 2.60 0.28
N ILE A 6 -1.33 2.28 -0.14
CA ILE A 6 -1.13 1.59 -1.41
C ILE A 6 -1.92 0.28 -1.45
N ALA A 7 -2.43 -0.05 -2.63
CA ALA A 7 -3.21 -1.27 -2.82
C ALA A 7 -3.13 -1.76 -4.26
N LYS A 8 -3.70 -2.93 -4.51
CA LYS A 8 -3.71 -3.51 -5.86
C LYS A 8 -5.14 -3.77 -6.34
N PRO A 9 -5.37 -3.56 -7.64
CA PRO A 9 -6.69 -3.76 -8.25
C PRO A 9 -7.06 -5.23 -8.32
N GLU A 10 -8.36 -5.50 -8.42
CA GLU A 10 -9.36 -4.44 -8.46
C GLU A 10 -9.75 -4.01 -7.04
N ASN A 11 -9.39 -2.78 -6.69
CA ASN A 11 -9.70 -2.25 -5.36
C ASN A 11 -9.49 -3.31 -4.28
N CYS A 12 -8.22 -3.63 -4.04
CA CYS A 12 -7.88 -4.64 -3.04
C CYS A 12 -6.72 -4.15 -2.15
N VAL A 13 -6.88 -4.31 -0.84
CA VAL A 13 -5.85 -3.89 0.10
C VAL A 13 -4.69 -4.86 0.11
N TYR A 14 -3.55 -4.42 0.66
CA TYR A 14 -2.36 -5.25 0.72
C TYR A 14 -2.09 -5.69 2.16
N GLU A 15 -2.42 -6.93 2.46
CA GLU A 15 -2.21 -7.48 3.80
C GLU A 15 -0.84 -8.15 3.90
N CYS A 16 -0.16 -7.92 5.02
CA CYS A 16 1.15 -8.49 5.25
C CYS A 16 1.08 -9.66 6.24
N GLY A 17 2.24 -10.20 6.59
CA GLY A 17 2.28 -11.31 7.52
C GLY A 17 3.39 -12.30 7.21
N ILE A 18 3.59 -12.55 5.92
CA ILE A 18 4.63 -13.48 5.48
C ILE A 18 5.54 -12.84 4.45
N THR A 19 4.97 -12.03 3.57
CA THR A 19 5.74 -11.35 2.53
C THR A 19 6.92 -10.60 3.13
N GLN A 20 6.63 -9.55 3.89
CA GLN A 20 7.67 -8.74 4.52
C GLN A 20 8.57 -8.11 3.47
N ASP A 21 8.07 -7.05 2.83
CA ASP A 21 8.83 -6.36 1.80
C ASP A 21 8.04 -5.17 1.25
N CYS A 22 7.26 -4.53 2.11
CA CYS A 22 6.45 -3.39 1.72
C CYS A 22 7.33 -2.29 1.13
N ASN A 23 8.35 -1.90 1.87
CA ASN A 23 9.27 -0.85 1.44
C ASN A 23 9.79 -1.14 0.02
N LYS A 24 10.04 -2.41 -0.25
CA LYS A 24 10.54 -2.82 -1.57
C LYS A 24 9.47 -2.62 -2.64
N LEU A 25 8.28 -3.15 -2.38
CA LEU A 25 7.17 -3.04 -3.33
C LEU A 25 6.84 -1.56 -3.59
N CYS A 26 6.71 -0.79 -2.52
CA CYS A 26 6.41 0.63 -2.63
C CYS A 26 7.45 1.35 -3.46
N THR A 27 8.72 1.16 -3.12
CA THR A 27 9.82 1.79 -3.83
C THR A 27 9.81 1.41 -5.30
N GLU A 28 9.77 0.11 -5.57
CA GLU A 28 9.75 -0.38 -6.94
C GLU A 28 8.60 0.24 -7.73
N ASN A 29 7.46 0.39 -7.07
CA ASN A 29 6.28 0.97 -7.71
C ASN A 29 6.55 2.41 -8.13
N GLY A 30 7.46 3.07 -7.43
CA GLY A 30 7.79 4.45 -7.76
C GLY A 30 7.64 5.37 -6.56
N ALA A 31 7.27 4.81 -5.42
CA ALA A 31 7.09 5.58 -4.21
C ALA A 31 8.42 5.84 -3.51
N GLU A 32 8.45 6.84 -2.63
CA GLU A 32 9.66 7.18 -1.91
C GLU A 32 9.98 6.12 -0.86
N SER A 33 8.98 5.76 -0.06
CA SER A 33 9.17 4.76 0.99
C SER A 33 7.87 3.99 1.24
N GLY A 34 7.89 3.12 2.23
CA GLY A 34 6.71 2.34 2.56
C GLY A 34 7.00 1.22 3.54
N TYR A 35 5.97 0.77 4.24
CA TYR A 35 6.13 -0.31 5.22
C TYR A 35 4.85 -1.12 5.35
N CYS A 36 4.87 -2.12 6.23
CA CYS A 36 3.71 -2.97 6.44
C CYS A 36 3.27 -2.93 7.90
N GLN A 37 2.10 -2.33 8.15
CA GLN A 37 1.57 -2.22 9.50
C GLN A 37 0.78 -3.47 9.88
N TRP A 38 1.39 -4.32 10.70
CA TRP A 38 0.75 -5.56 11.14
C TRP A 38 -0.50 -5.26 11.95
N GLY A 39 -0.63 -4.00 12.40
CA GLY A 39 -1.78 -3.62 13.19
C GLY A 39 -2.10 -2.15 13.04
N GLY A 40 -3.07 -1.84 12.17
CA GLY A 40 -3.45 -0.44 11.96
C GLY A 40 -4.96 -0.27 11.85
N LYS A 41 -5.38 0.76 11.14
CA LYS A 41 -6.80 1.04 10.97
C LYS A 41 -7.54 -0.21 10.50
N TYR A 42 -7.06 -0.81 9.42
CA TYR A 42 -7.67 -2.02 8.87
C TYR A 42 -6.88 -3.26 9.26
N GLY A 43 -6.18 -3.18 10.39
CA GLY A 43 -5.40 -4.30 10.86
C GLY A 43 -4.09 -4.45 10.10
N ASN A 44 -3.84 -5.65 9.58
CA ASN A 44 -2.61 -5.92 8.83
C ASN A 44 -2.72 -5.39 7.40
N ALA A 45 -2.08 -4.27 7.14
CA ALA A 45 -2.10 -3.66 5.82
C ALA A 45 -0.76 -3.01 5.49
N CYS A 46 -0.55 -2.71 4.21
CA CYS A 46 0.70 -2.09 3.76
C CYS A 46 0.49 -0.60 3.50
N TRP A 47 1.43 0.21 3.96
CA TRP A 47 1.37 1.65 3.79
C TRP A 47 2.46 2.14 2.84
N CYS A 48 2.17 3.19 2.10
CA CYS A 48 3.13 3.77 1.16
C CYS A 48 3.40 5.24 1.47
N ILE A 49 4.65 5.65 1.29
CA ILE A 49 5.05 7.03 1.56
C ILE A 49 5.49 7.72 0.28
N LYS A 50 4.85 8.85 -0.04
CA LYS A 50 5.20 9.61 -1.22
C LYS A 50 4.89 8.81 -2.50
N LEU A 51 3.62 8.79 -2.89
CA LEU A 51 3.20 8.07 -4.08
C LEU A 51 2.72 9.02 -5.16
N PRO A 52 3.13 8.76 -6.42
CA PRO A 52 2.75 9.59 -7.56
C PRO A 52 1.28 9.45 -7.91
N ASP A 53 0.70 10.49 -8.50
CA ASP A 53 -0.69 10.47 -8.90
C ASP A 53 -1.01 9.26 -9.76
N SER A 54 -0.14 8.99 -10.72
CA SER A 54 -0.32 7.86 -11.63
C SER A 54 -0.58 6.58 -10.84
N VAL A 55 -0.05 6.51 -9.63
CA VAL A 55 -0.23 5.34 -8.77
C VAL A 55 -1.17 5.65 -7.61
N PRO A 56 -2.47 5.46 -7.84
CA PRO A 56 -3.50 5.71 -6.82
C PRO A 56 -3.45 4.70 -5.69
N ILE A 57 -4.31 4.88 -4.70
CA ILE A 57 -4.37 3.97 -3.56
C ILE A 57 -5.73 3.28 -3.46
N ARG A 58 -5.91 2.47 -2.43
CA ARG A 58 -7.16 1.75 -2.23
C ARG A 58 -8.30 2.71 -1.98
N VAL A 59 -9.38 2.56 -2.75
CA VAL A 59 -10.55 3.42 -2.61
C VAL A 59 -11.66 2.72 -1.85
N PRO A 60 -12.57 3.50 -1.26
CA PRO A 60 -13.70 2.98 -0.50
C PRO A 60 -14.73 2.28 -1.39
N GLY A 61 -14.74 0.95 -1.36
CA GLY A 61 -15.67 0.19 -2.17
C GLY A 61 -15.42 -1.30 -2.09
N LYS A 62 -15.90 -2.03 -3.10
CA LYS A 62 -15.73 -3.47 -3.14
C LYS A 62 -14.48 -3.85 -3.92
N CYS A 63 -14.03 -5.09 -3.76
CA CYS A 63 -12.84 -5.57 -4.45
C CYS A 63 -13.23 -6.53 -5.59
N GLN A 64 -12.47 -6.48 -6.67
CA GLN A 64 -12.72 -7.32 -7.83
C GLN A 64 -11.41 -7.81 -8.44
N VAL A 1 4.10 13.57 -4.89
CA VAL A 1 3.76 12.31 -4.25
C VAL A 1 3.18 12.54 -2.86
N ARG A 2 2.53 11.53 -2.32
CA ARG A 2 1.93 11.62 -0.99
C ARG A 2 1.79 10.25 -0.36
N ASP A 3 1.84 10.19 0.97
CA ASP A 3 1.73 8.93 1.69
C ASP A 3 0.28 8.45 1.71
N ALA A 4 0.10 7.14 1.82
CA ALA A 4 -1.24 6.55 1.86
C ALA A 4 -1.17 5.04 1.97
N TYR A 5 -2.32 4.39 1.91
CA TYR A 5 -2.39 2.93 2.01
C TYR A 5 -2.38 2.28 0.63
N ILE A 6 -1.18 1.97 0.15
CA ILE A 6 -1.03 1.33 -1.16
C ILE A 6 -1.83 0.04 -1.24
N ALA A 7 -2.36 -0.26 -2.42
CA ALA A 7 -3.13 -1.47 -2.64
C ALA A 7 -3.07 -1.91 -4.10
N LYS A 8 -3.74 -3.02 -4.40
CA LYS A 8 -3.76 -3.55 -5.76
C LYS A 8 -5.20 -3.68 -6.27
N PRO A 9 -5.41 -3.30 -7.54
CA PRO A 9 -6.73 -3.37 -8.17
C PRO A 9 -7.18 -4.80 -8.43
N GLU A 10 -8.48 -4.99 -8.57
CA GLU A 10 -9.43 -3.89 -8.50
C GLU A 10 -9.83 -3.61 -7.06
N ASN A 11 -9.43 -2.43 -6.56
CA ASN A 11 -9.75 -2.04 -5.19
C ASN A 11 -9.54 -3.21 -4.23
N CYS A 12 -8.29 -3.59 -4.03
CA CYS A 12 -7.96 -4.68 -3.13
C CYS A 12 -6.77 -4.32 -2.25
N VAL A 13 -6.89 -4.61 -0.96
CA VAL A 13 -5.83 -4.32 0.00
C VAL A 13 -4.71 -5.34 -0.10
N TYR A 14 -3.52 -4.95 0.37
CA TYR A 14 -2.36 -5.84 0.32
C TYR A 14 -1.93 -6.24 1.73
N GLU A 15 -2.31 -7.46 2.13
CA GLU A 15 -1.97 -7.97 3.44
C GLU A 15 -0.52 -8.48 3.48
N CYS A 16 0.26 -7.96 4.42
CA CYS A 16 1.65 -8.37 4.55
C CYS A 16 1.92 -8.90 5.95
N GLY A 17 3.19 -9.22 6.22
CA GLY A 17 3.57 -9.74 7.52
C GLY A 17 4.63 -10.82 7.43
N ILE A 18 4.42 -11.78 6.53
CA ILE A 18 5.37 -12.87 6.35
C ILE A 18 6.43 -12.51 5.32
N THR A 19 6.11 -11.57 4.43
CA THR A 19 7.03 -11.14 3.39
C THR A 19 7.94 -10.03 3.91
N GLN A 20 7.33 -8.93 4.36
CA GLN A 20 8.09 -7.79 4.87
C GLN A 20 8.98 -7.20 3.78
N ASP A 21 8.38 -6.90 2.63
CA ASP A 21 9.14 -6.33 1.52
C ASP A 21 8.39 -5.13 0.93
N CYS A 22 7.56 -4.50 1.75
CA CYS A 22 6.79 -3.34 1.33
C CYS A 22 7.70 -2.29 0.69
N ASN A 23 8.77 -1.94 1.40
CA ASN A 23 9.72 -0.95 0.91
C ASN A 23 10.20 -1.30 -0.49
N LYS A 24 10.42 -2.59 -0.74
CA LYS A 24 10.87 -3.06 -2.04
C LYS A 24 9.80 -2.83 -3.10
N LEU A 25 8.59 -3.30 -2.82
CA LEU A 25 7.47 -3.15 -3.75
C LEU A 25 7.21 -1.68 -4.05
N CYS A 26 7.15 -0.87 -3.00
CA CYS A 26 6.91 0.57 -3.16
C CYS A 26 7.97 1.20 -4.04
N THR A 27 9.24 1.03 -3.66
CA THR A 27 10.35 1.60 -4.42
C THR A 27 10.25 1.21 -5.89
N GLU A 28 10.13 -0.08 -6.16
CA GLU A 28 10.04 -0.58 -7.53
C GLU A 28 8.89 0.10 -8.27
N ASN A 29 7.77 0.28 -7.58
CA ASN A 29 6.60 0.91 -8.17
C ASN A 29 6.90 2.36 -8.56
N GLY A 30 7.86 2.96 -7.88
CA GLY A 30 8.23 4.33 -8.18
C GLY A 30 7.93 5.27 -7.04
N ALA A 31 7.73 4.72 -5.85
CA ALA A 31 7.43 5.52 -4.67
C ALA A 31 8.69 5.81 -3.87
N GLU A 32 8.52 6.45 -2.72
CA GLU A 32 9.65 6.80 -1.85
C GLU A 32 9.95 5.66 -0.88
N SER A 33 9.06 5.44 0.07
CA SER A 33 9.23 4.39 1.06
C SER A 33 7.91 3.68 1.34
N GLY A 34 7.94 2.75 2.29
CA GLY A 34 6.74 2.00 2.63
C GLY A 34 7.02 0.86 3.59
N TYR A 35 6.10 0.62 4.51
CA TYR A 35 6.25 -0.44 5.50
C TYR A 35 4.95 -1.24 5.63
N CYS A 36 4.97 -2.20 6.56
CA CYS A 36 3.79 -3.04 6.79
C CYS A 36 3.01 -2.54 8.00
N GLN A 37 1.86 -1.93 7.74
CA GLN A 37 1.02 -1.40 8.81
C GLN A 37 0.12 -2.50 9.39
N TRP A 38 0.70 -3.32 10.26
CA TRP A 38 -0.04 -4.40 10.88
C TRP A 38 -1.12 -3.86 11.82
N GLY A 39 -1.02 -2.58 12.14
CA GLY A 39 -1.99 -1.96 13.03
C GLY A 39 -2.56 -0.69 12.47
N GLY A 40 -3.60 -0.81 11.65
CA GLY A 40 -4.23 0.36 11.06
C GLY A 40 -5.74 0.24 11.00
N LYS A 41 -6.39 1.25 10.41
CA LYS A 41 -7.84 1.26 10.29
C LYS A 41 -8.33 0.01 9.57
N TYR A 42 -7.58 -0.41 8.56
CA TYR A 42 -7.95 -1.60 7.78
C TYR A 42 -7.24 -2.83 8.30
N GLY A 43 -6.87 -2.81 9.59
CA GLY A 43 -6.18 -3.93 10.19
C GLY A 43 -4.70 -3.98 9.82
N ASN A 44 -4.27 -5.09 9.27
CA ASN A 44 -2.87 -5.26 8.88
C ASN A 44 -2.71 -5.12 7.37
N ALA A 45 -2.40 -3.90 6.93
CA ALA A 45 -2.22 -3.62 5.51
C ALA A 45 -0.87 -2.95 5.26
N CYS A 46 -0.36 -3.11 4.04
CA CYS A 46 0.92 -2.53 3.67
C CYS A 46 0.77 -1.04 3.38
N TRP A 47 1.45 -0.22 4.18
CA TRP A 47 1.40 1.23 4.02
C TRP A 47 2.61 1.74 3.23
N CYS A 48 2.41 2.82 2.49
CA CYS A 48 3.49 3.40 1.69
C CYS A 48 3.61 4.90 1.95
N ILE A 49 4.81 5.43 1.79
CA ILE A 49 5.07 6.85 2.01
C ILE A 49 5.54 7.53 0.73
N LYS A 50 4.88 8.62 0.37
CA LYS A 50 5.23 9.37 -0.84
C LYS A 50 5.00 8.53 -2.09
N LEU A 51 3.77 8.53 -2.58
CA LEU A 51 3.41 7.76 -3.77
C LEU A 51 2.95 8.69 -4.89
N PRO A 52 3.31 8.33 -6.14
CA PRO A 52 2.94 9.12 -7.32
C PRO A 52 1.45 9.05 -7.62
N ASP A 53 0.92 10.12 -8.20
CA ASP A 53 -0.50 10.17 -8.54
C ASP A 53 -0.89 9.01 -9.43
N SER A 54 -0.06 8.72 -10.43
CA SER A 54 -0.32 7.63 -11.36
C SER A 54 -0.65 6.35 -10.61
N VAL A 55 -0.10 6.22 -9.40
CA VAL A 55 -0.35 5.04 -8.58
C VAL A 55 -1.15 5.39 -7.33
N PRO A 56 -2.48 5.35 -7.45
CA PRO A 56 -3.39 5.66 -6.34
C PRO A 56 -3.36 4.59 -5.25
N ILE A 57 -4.19 4.78 -4.22
CA ILE A 57 -4.25 3.83 -3.12
C ILE A 57 -5.62 3.16 -3.05
N ARG A 58 -5.80 2.31 -2.05
CA ARG A 58 -7.07 1.60 -1.87
C ARG A 58 -8.19 2.58 -1.57
N VAL A 59 -9.27 2.50 -2.35
CA VAL A 59 -10.42 3.38 -2.16
C VAL A 59 -11.54 2.65 -1.43
N PRO A 60 -12.43 3.42 -0.79
CA PRO A 60 -13.58 2.87 -0.05
C PRO A 60 -14.62 2.27 -0.96
N GLY A 61 -14.65 0.94 -1.03
CA GLY A 61 -15.62 0.26 -1.87
C GLY A 61 -15.40 -1.24 -1.90
N LYS A 62 -15.91 -1.89 -2.93
CA LYS A 62 -15.78 -3.34 -3.08
C LYS A 62 -14.55 -3.69 -3.91
N CYS A 63 -14.14 -4.95 -3.83
CA CYS A 63 -12.98 -5.42 -4.58
C CYS A 63 -13.41 -6.31 -5.75
N GLN A 64 -12.63 -6.27 -6.82
CA GLN A 64 -12.93 -7.06 -8.01
C GLN A 64 -11.76 -7.05 -8.99
N VAL A 1 3.26 13.33 -5.33
CA VAL A 1 3.00 12.07 -4.66
C VAL A 1 2.21 12.30 -3.37
N ARG A 2 1.78 11.19 -2.76
CA ARG A 2 1.00 11.26 -1.52
C ARG A 2 1.17 9.99 -0.70
N ASP A 3 1.12 10.13 0.62
CA ASP A 3 1.26 8.99 1.51
C ASP A 3 -0.09 8.37 1.82
N ALA A 4 -0.12 7.05 1.92
CA ALA A 4 -1.37 6.33 2.22
C ALA A 4 -1.15 4.83 2.22
N TYR A 5 -2.22 4.07 2.40
CA TYR A 5 -2.14 2.62 2.42
C TYR A 5 -2.07 2.06 0.99
N ILE A 6 -0.87 1.68 0.57
CA ILE A 6 -0.68 1.12 -0.76
C ILE A 6 -1.52 -0.13 -0.97
N ALA A 7 -2.03 -0.28 -2.19
CA ALA A 7 -2.85 -1.45 -2.52
C ALA A 7 -2.77 -1.77 -4.01
N LYS A 8 -3.36 -2.90 -4.40
CA LYS A 8 -3.34 -3.34 -5.79
C LYS A 8 -4.77 -3.48 -6.32
N PRO A 9 -4.95 -3.12 -7.60
CA PRO A 9 -6.26 -3.21 -8.27
C PRO A 9 -6.70 -4.65 -8.50
N GLU A 10 -8.01 -4.85 -8.65
CA GLU A 10 -8.95 -3.74 -8.59
C GLU A 10 -9.36 -3.43 -7.15
N ASN A 11 -8.95 -2.27 -6.67
CA ASN A 11 -9.27 -1.85 -5.31
C ASN A 11 -9.13 -3.03 -4.33
N CYS A 12 -7.89 -3.44 -4.09
CA CYS A 12 -7.62 -4.54 -3.18
C CYS A 12 -6.48 -4.20 -2.23
N VAL A 13 -6.68 -4.47 -0.95
CA VAL A 13 -5.66 -4.20 0.07
C VAL A 13 -4.46 -5.13 -0.10
N TYR A 14 -3.41 -4.86 0.67
CA TYR A 14 -2.20 -5.68 0.63
C TYR A 14 -1.81 -6.16 2.02
N GLU A 15 -2.14 -7.41 2.32
CA GLU A 15 -1.83 -7.99 3.62
C GLU A 15 -0.32 -8.04 3.83
N CYS A 16 0.11 -7.74 5.05
CA CYS A 16 1.53 -7.75 5.39
C CYS A 16 1.79 -8.57 6.65
N GLY A 17 3.04 -8.97 6.85
CA GLY A 17 3.39 -9.75 8.02
C GLY A 17 4.15 -11.02 7.67
N ILE A 18 3.74 -11.66 6.57
CA ILE A 18 4.40 -12.88 6.13
C ILE A 18 5.40 -12.60 5.03
N THR A 19 4.97 -11.88 4.00
CA THR A 19 5.83 -11.54 2.88
C THR A 19 6.16 -10.05 2.88
N GLN A 20 6.71 -9.56 3.97
CA GLN A 20 7.08 -8.15 4.10
C GLN A 20 7.92 -7.70 2.91
N ASP A 21 7.36 -6.82 2.09
CA ASP A 21 8.07 -6.31 0.92
C ASP A 21 7.54 -4.93 0.52
N CYS A 22 6.94 -4.23 1.49
CA CYS A 22 6.39 -2.91 1.23
C CYS A 22 7.44 -2.00 0.59
N ASN A 23 8.62 -1.95 1.19
CA ASN A 23 9.70 -1.12 0.67
C ASN A 23 9.94 -1.39 -0.81
N LYS A 24 9.93 -2.67 -1.17
CA LYS A 24 10.15 -3.06 -2.57
C LYS A 24 9.03 -2.52 -3.46
N LEU A 25 7.79 -2.83 -3.10
CA LEU A 25 6.63 -2.39 -3.86
C LEU A 25 6.62 -0.86 -3.99
N CYS A 26 6.99 -0.19 -2.90
CA CYS A 26 7.02 1.27 -2.88
C CYS A 26 7.99 1.81 -3.92
N THR A 27 9.25 1.38 -3.84
CA THR A 27 10.27 1.83 -4.78
C THR A 27 9.93 1.39 -6.20
N GLU A 28 9.50 0.15 -6.35
CA GLU A 28 9.16 -0.39 -7.65
C GLU A 28 8.17 0.53 -8.37
N ASN A 29 7.02 0.77 -7.75
CA ASN A 29 6.00 1.64 -8.32
C ASN A 29 6.52 3.06 -8.49
N GLY A 30 7.63 3.37 -7.80
CA GLY A 30 8.21 4.69 -7.88
C GLY A 30 7.75 5.59 -6.76
N ALA A 31 8.00 5.16 -5.52
CA ALA A 31 7.60 5.94 -4.35
C ALA A 31 8.82 6.26 -3.47
N GLU A 32 8.59 7.08 -2.45
CA GLU A 32 9.67 7.47 -1.55
C GLU A 32 10.10 6.29 -0.67
N SER A 33 9.17 5.80 0.15
CA SER A 33 9.47 4.67 1.04
C SER A 33 8.21 4.24 1.79
N GLY A 34 8.11 2.94 2.04
CA GLY A 34 6.95 2.41 2.75
C GLY A 34 7.31 1.26 3.66
N TYR A 35 6.33 0.77 4.41
CA TYR A 35 6.54 -0.34 5.33
C TYR A 35 5.23 -1.03 5.68
N CYS A 36 5.32 -2.17 6.35
CA CYS A 36 4.14 -2.93 6.74
C CYS A 36 3.50 -2.34 7.99
N GLN A 37 2.27 -1.85 7.84
CA GLN A 37 1.55 -1.25 8.97
C GLN A 37 0.74 -2.31 9.71
N TRP A 38 1.35 -2.89 10.75
CA TRP A 38 0.68 -3.91 11.55
C TRP A 38 -0.17 -3.28 12.63
N GLY A 39 -1.40 -2.92 12.28
CA GLY A 39 -2.31 -2.31 13.24
C GLY A 39 -2.89 -1.00 12.74
N GLY A 40 -3.91 -1.10 11.90
CA GLY A 40 -4.54 0.10 11.36
C GLY A 40 -5.79 -0.22 10.54
N LYS A 41 -5.91 0.42 9.39
CA LYS A 41 -7.06 0.19 8.52
C LYS A 41 -7.26 -1.28 8.22
N TYR A 42 -8.45 -1.80 8.51
CA TYR A 42 -8.76 -3.20 8.28
C TYR A 42 -7.69 -4.10 8.89
N GLY A 43 -7.09 -3.64 9.99
CA GLY A 43 -6.07 -4.41 10.66
C GLY A 43 -4.69 -4.17 10.08
N ASN A 44 -3.98 -5.25 9.76
CA ASN A 44 -2.64 -5.14 9.19
C ASN A 44 -2.69 -4.92 7.68
N ALA A 45 -2.01 -3.88 7.22
CA ALA A 45 -1.99 -3.55 5.80
C ALA A 45 -0.66 -2.89 5.41
N CYS A 46 -0.29 -3.01 4.14
CA CYS A 46 0.94 -2.42 3.64
C CYS A 46 0.79 -0.92 3.45
N TRP A 47 1.59 -0.14 4.17
CA TRP A 47 1.55 1.30 4.07
C TRP A 47 2.75 1.84 3.31
N CYS A 48 2.54 2.93 2.58
CA CYS A 48 3.62 3.54 1.79
C CYS A 48 3.60 5.06 1.96
N ILE A 49 4.78 5.66 1.82
CA ILE A 49 4.92 7.12 1.94
C ILE A 49 5.36 7.74 0.63
N LYS A 50 4.62 8.75 0.19
CA LYS A 50 4.94 9.44 -1.06
C LYS A 50 4.79 8.50 -2.26
N LEU A 51 3.56 8.36 -2.74
CA LEU A 51 3.28 7.50 -3.88
C LEU A 51 2.74 8.30 -5.06
N PRO A 52 3.13 7.91 -6.28
CA PRO A 52 2.70 8.58 -7.51
C PRO A 52 1.22 8.35 -7.80
N ASP A 53 0.59 9.34 -8.44
CA ASP A 53 -0.82 9.25 -8.78
C ASP A 53 -1.10 8.01 -9.62
N SER A 54 -0.14 7.64 -10.46
CA SER A 54 -0.29 6.47 -11.33
C SER A 54 -0.75 5.26 -10.53
N VAL A 55 -0.36 5.21 -9.26
CA VAL A 55 -0.74 4.10 -8.38
C VAL A 55 -1.54 4.59 -7.19
N PRO A 56 -2.86 4.73 -7.37
CA PRO A 56 -3.77 5.19 -6.32
C PRO A 56 -3.93 4.16 -5.20
N ILE A 57 -3.73 4.61 -3.96
CA ILE A 57 -3.85 3.73 -2.81
C ILE A 57 -5.22 3.05 -2.77
N ARG A 58 -5.44 2.22 -1.75
CA ARG A 58 -6.71 1.51 -1.61
C ARG A 58 -7.83 2.50 -1.26
N VAL A 59 -8.82 2.60 -2.16
CA VAL A 59 -9.95 3.48 -1.94
C VAL A 59 -11.11 2.75 -1.28
N PRO A 60 -11.99 3.51 -0.63
CA PRO A 60 -13.17 2.96 0.06
C PRO A 60 -14.21 2.42 -0.92
N GLY A 61 -14.27 1.10 -1.05
CA GLY A 61 -15.23 0.49 -1.96
C GLY A 61 -15.05 -1.01 -2.06
N LYS A 62 -15.52 -1.59 -3.16
CA LYS A 62 -15.43 -3.03 -3.37
C LYS A 62 -14.15 -3.37 -4.14
N CYS A 63 -13.78 -4.65 -4.12
CA CYS A 63 -12.59 -5.11 -4.82
C CYS A 63 -12.97 -5.93 -6.06
N GLN A 64 -12.18 -5.78 -7.12
CA GLN A 64 -12.43 -6.51 -8.36
C GLN A 64 -11.12 -7.00 -8.98
N VAL A 1 3.23 13.35 -5.29
CA VAL A 1 3.22 12.15 -4.48
C VAL A 1 2.38 12.34 -3.21
N ARG A 2 1.72 11.27 -2.78
CA ARG A 2 0.89 11.34 -1.59
C ARG A 2 1.10 10.10 -0.71
N ASP A 3 0.97 10.27 0.60
CA ASP A 3 1.15 9.18 1.54
C ASP A 3 -0.18 8.55 1.91
N ALA A 4 -0.20 7.23 2.01
CA ALA A 4 -1.43 6.50 2.35
C ALA A 4 -1.19 5.00 2.35
N TYR A 5 -2.26 4.24 2.57
CA TYR A 5 -2.16 2.78 2.59
C TYR A 5 -2.09 2.22 1.17
N ILE A 6 -0.90 1.77 0.78
CA ILE A 6 -0.70 1.20 -0.54
C ILE A 6 -1.56 -0.05 -0.74
N ALA A 7 -2.02 -0.24 -1.98
CA ALA A 7 -2.84 -1.41 -2.30
C ALA A 7 -2.72 -1.78 -3.77
N LYS A 8 -3.31 -2.90 -4.15
CA LYS A 8 -3.26 -3.36 -5.53
C LYS A 8 -4.67 -3.47 -6.11
N PRO A 9 -4.81 -3.13 -7.40
CA PRO A 9 -6.10 -3.18 -8.10
C PRO A 9 -6.57 -4.62 -8.33
N GLU A 10 -7.88 -4.78 -8.53
CA GLU A 10 -8.80 -3.65 -8.52
C GLU A 10 -9.24 -3.32 -7.09
N ASN A 11 -8.81 -2.15 -6.61
CA ASN A 11 -9.16 -1.72 -5.27
C ASN A 11 -9.09 -2.88 -4.27
N CYS A 12 -7.87 -3.32 -3.99
CA CYS A 12 -7.66 -4.43 -3.06
C CYS A 12 -6.51 -4.12 -2.10
N VAL A 13 -6.74 -4.38 -0.83
CA VAL A 13 -5.73 -4.13 0.20
C VAL A 13 -4.57 -5.11 0.08
N TYR A 14 -3.45 -4.77 0.68
CA TYR A 14 -2.26 -5.63 0.64
C TYR A 14 -1.79 -5.97 2.05
N GLU A 15 -2.16 -7.17 2.51
CA GLU A 15 -1.77 -7.63 3.84
C GLU A 15 -0.29 -7.98 3.88
N CYS A 16 0.35 -7.66 5.00
CA CYS A 16 1.77 -7.95 5.18
C CYS A 16 1.98 -8.99 6.27
N GLY A 17 3.25 -9.17 6.67
CA GLY A 17 3.56 -10.13 7.71
C GLY A 17 3.99 -11.48 7.15
N ILE A 18 3.63 -11.72 5.88
CA ILE A 18 3.98 -12.97 5.23
C ILE A 18 4.74 -12.72 3.93
N THR A 19 4.36 -11.66 3.23
CA THR A 19 5.01 -11.31 1.96
C THR A 19 6.20 -10.39 2.20
N GLN A 20 6.09 -9.54 3.22
CA GLN A 20 7.16 -8.60 3.55
C GLN A 20 7.70 -7.93 2.30
N ASP A 21 8.87 -7.32 2.41
CA ASP A 21 9.50 -6.64 1.29
C ASP A 21 8.65 -5.46 0.83
N CYS A 22 7.82 -4.94 1.74
CA CYS A 22 6.96 -3.80 1.42
C CYS A 22 7.76 -2.66 0.81
N ASN A 23 8.82 -2.25 1.52
CA ASN A 23 9.67 -1.17 1.05
C ASN A 23 10.14 -1.42 -0.38
N LYS A 24 10.50 -2.66 -0.67
CA LYS A 24 10.96 -3.03 -2.00
C LYS A 24 9.86 -2.82 -3.03
N LEU A 25 8.66 -3.29 -2.72
CA LEU A 25 7.52 -3.14 -3.63
C LEU A 25 7.21 -1.67 -3.89
N CYS A 26 7.10 -0.89 -2.81
CA CYS A 26 6.80 0.53 -2.91
C CYS A 26 7.83 1.22 -3.81
N THR A 27 9.10 0.91 -3.60
CA THR A 27 10.18 1.51 -4.37
C THR A 27 10.11 1.07 -5.83
N GLU A 28 9.99 -0.24 -6.04
CA GLU A 28 9.92 -0.79 -7.39
C GLU A 28 8.75 -0.17 -8.17
N ASN A 29 7.70 0.19 -7.44
CA ASN A 29 6.52 0.78 -8.06
C ASN A 29 6.79 2.24 -8.47
N GLY A 30 7.76 2.85 -7.81
CA GLY A 30 8.10 4.23 -8.12
C GLY A 30 7.69 5.19 -7.02
N ALA A 31 7.65 4.70 -5.80
CA ALA A 31 7.27 5.52 -4.65
C ALA A 31 8.49 5.96 -3.87
N GLU A 32 8.25 6.71 -2.79
CA GLU A 32 9.35 7.20 -1.96
C GLU A 32 9.70 6.19 -0.87
N SER A 33 8.78 5.99 0.07
CA SER A 33 9.00 5.05 1.16
C SER A 33 7.84 4.06 1.27
N GLY A 34 8.11 2.90 1.86
CA GLY A 34 7.08 1.88 2.01
C GLY A 34 7.45 0.85 3.05
N TYR A 35 6.44 0.38 3.78
CA TYR A 35 6.65 -0.63 4.81
C TYR A 35 5.34 -1.29 5.22
N CYS A 36 5.43 -2.29 6.09
CA CYS A 36 4.25 -3.01 6.55
C CYS A 36 3.67 -2.36 7.80
N GLN A 37 2.44 -1.90 7.71
CA GLN A 37 1.77 -1.25 8.84
C GLN A 37 0.91 -2.25 9.61
N TRP A 38 1.52 -2.92 10.58
CA TRP A 38 0.81 -3.90 11.39
C TRP A 38 0.03 -3.23 12.51
N GLY A 39 -1.18 -2.79 12.20
CA GLY A 39 -2.00 -2.13 13.20
C GLY A 39 -2.64 -0.85 12.67
N GLY A 40 -3.68 -1.01 11.86
CA GLY A 40 -4.36 0.14 11.31
C GLY A 40 -5.88 -0.01 11.31
N LYS A 41 -6.56 0.90 10.63
CA LYS A 41 -8.02 0.85 10.55
C LYS A 41 -8.49 -0.50 10.06
N TYR A 42 -7.90 -0.99 8.98
CA TYR A 42 -8.27 -2.28 8.41
C TYR A 42 -7.34 -3.39 8.92
N GLY A 43 -6.76 -3.17 10.10
CA GLY A 43 -5.86 -4.15 10.67
C GLY A 43 -4.46 -4.05 10.10
N ASN A 44 -3.86 -5.20 9.80
CA ASN A 44 -2.51 -5.25 9.24
C ASN A 44 -2.54 -4.97 7.74
N ALA A 45 -1.97 -3.84 7.34
CA ALA A 45 -1.91 -3.45 5.94
C ALA A 45 -0.61 -2.74 5.61
N CYS A 46 -0.16 -2.88 4.37
CA CYS A 46 1.08 -2.26 3.92
C CYS A 46 0.88 -0.76 3.69
N TRP A 47 1.68 0.05 4.38
CA TRP A 47 1.59 1.50 4.25
C TRP A 47 2.74 2.04 3.41
N CYS A 48 2.48 3.13 2.69
CA CYS A 48 3.49 3.75 1.84
C CYS A 48 3.48 5.27 2.01
N ILE A 49 4.63 5.88 1.78
CA ILE A 49 4.76 7.33 1.90
C ILE A 49 5.21 7.96 0.58
N LYS A 50 4.48 8.98 0.14
CA LYS A 50 4.80 9.66 -1.11
C LYS A 50 4.70 8.71 -2.29
N LEU A 51 3.51 8.57 -2.84
CA LEU A 51 3.29 7.68 -3.98
C LEU A 51 2.70 8.45 -5.15
N PRO A 52 3.16 8.12 -6.37
CA PRO A 52 2.69 8.77 -7.60
C PRO A 52 1.25 8.38 -7.94
N ASP A 53 0.57 9.26 -8.68
CA ASP A 53 -0.81 9.02 -9.06
C ASP A 53 -0.94 7.71 -9.85
N SER A 54 0.14 7.34 -10.53
CA SER A 54 0.16 6.11 -11.32
C SER A 54 -0.37 4.93 -10.51
N VAL A 55 -0.15 4.99 -9.19
CA VAL A 55 -0.61 3.93 -8.30
C VAL A 55 -1.36 4.50 -7.11
N PRO A 56 -2.67 4.72 -7.28
CA PRO A 56 -3.52 5.26 -6.23
C PRO A 56 -3.75 4.27 -5.09
N ILE A 57 -3.56 4.73 -3.86
CA ILE A 57 -3.75 3.89 -2.68
C ILE A 57 -5.12 3.24 -2.68
N ARG A 58 -5.38 2.41 -1.68
CA ARG A 58 -6.66 1.72 -1.56
C ARG A 58 -7.78 2.72 -1.26
N VAL A 59 -8.73 2.82 -2.19
CA VAL A 59 -9.85 3.74 -2.03
C VAL A 59 -11.05 3.03 -1.39
N PRO A 60 -11.93 3.81 -0.76
CA PRO A 60 -13.13 3.29 -0.09
C PRO A 60 -14.15 2.75 -1.08
N GLY A 61 -14.24 1.43 -1.20
CA GLY A 61 -15.18 0.82 -2.12
C GLY A 61 -15.03 -0.68 -2.19
N LYS A 62 -15.49 -1.28 -3.29
CA LYS A 62 -15.41 -2.71 -3.47
C LYS A 62 -14.13 -3.10 -4.21
N CYS A 63 -13.80 -4.38 -4.17
CA CYS A 63 -12.59 -4.88 -4.84
C CYS A 63 -12.95 -5.69 -6.08
N GLN A 64 -12.13 -5.56 -7.12
CA GLN A 64 -12.37 -6.29 -8.36
C GLN A 64 -11.06 -6.84 -8.93
N VAL A 1 3.15 13.45 -5.44
CA VAL A 1 2.89 12.21 -4.72
C VAL A 1 2.30 12.49 -3.35
N ARG A 2 1.87 11.43 -2.67
CA ARG A 2 1.27 11.56 -1.34
C ARG A 2 1.35 10.24 -0.58
N ASP A 3 1.34 10.33 0.75
CA ASP A 3 1.41 9.15 1.59
C ASP A 3 0.03 8.57 1.84
N ALA A 4 -0.04 7.24 1.95
CA ALA A 4 -1.31 6.57 2.19
C ALA A 4 -1.12 5.06 2.23
N TYR A 5 -2.23 4.33 2.34
CA TYR A 5 -2.18 2.87 2.39
C TYR A 5 -2.15 2.27 1.00
N ILE A 6 -0.95 1.91 0.54
CA ILE A 6 -0.78 1.33 -0.78
C ILE A 6 -1.59 0.04 -0.92
N ALA A 7 -2.08 -0.21 -2.13
CA ALA A 7 -2.87 -1.40 -2.41
C ALA A 7 -2.74 -1.83 -3.86
N LYS A 8 -3.33 -2.97 -4.20
CA LYS A 8 -3.28 -3.49 -5.56
C LYS A 8 -4.69 -3.60 -6.15
N PRO A 9 -4.82 -3.25 -7.43
CA PRO A 9 -6.11 -3.31 -8.14
C PRO A 9 -6.56 -4.74 -8.39
N GLU A 10 -7.87 -4.92 -8.60
CA GLU A 10 -8.79 -3.79 -8.60
C GLU A 10 -9.24 -3.46 -7.18
N ASN A 11 -8.84 -2.28 -6.70
CA ASN A 11 -9.20 -1.84 -5.35
C ASN A 11 -9.11 -3.00 -4.36
N CYS A 12 -7.89 -3.41 -4.06
CA CYS A 12 -7.66 -4.50 -3.12
C CYS A 12 -6.51 -4.17 -2.18
N VAL A 13 -6.73 -4.43 -0.89
CA VAL A 13 -5.71 -4.17 0.13
C VAL A 13 -4.55 -5.14 0.00
N TYR A 14 -3.42 -4.77 0.60
CA TYR A 14 -2.23 -5.61 0.55
C TYR A 14 -1.77 -5.99 1.96
N GLU A 15 -2.17 -7.16 2.42
CA GLU A 15 -1.80 -7.63 3.75
C GLU A 15 -0.44 -8.32 3.72
N CYS A 16 0.44 -7.92 4.63
CA CYS A 16 1.78 -8.49 4.73
C CYS A 16 2.04 -9.05 6.12
N GLY A 17 3.25 -9.56 6.32
CA GLY A 17 3.62 -10.12 7.62
C GLY A 17 4.69 -11.17 7.50
N ILE A 18 4.46 -12.18 6.67
CA ILE A 18 5.42 -13.27 6.49
C ILE A 18 6.60 -12.80 5.63
N THR A 19 6.29 -12.22 4.48
CA THR A 19 7.33 -11.73 3.58
C THR A 19 7.69 -10.28 3.89
N GLN A 20 6.69 -9.48 4.18
CA GLN A 20 6.90 -8.07 4.49
C GLN A 20 7.72 -7.39 3.40
N ASP A 21 7.26 -7.52 2.16
CA ASP A 21 7.94 -6.92 1.03
C ASP A 21 7.32 -5.58 0.67
N CYS A 22 6.70 -4.93 1.66
CA CYS A 22 6.07 -3.64 1.44
C CYS A 22 7.05 -2.63 0.87
N ASN A 23 8.22 -2.54 1.49
CA ASN A 23 9.26 -1.62 1.04
C ASN A 23 9.60 -1.85 -0.43
N LYS A 24 9.76 -3.12 -0.80
CA LYS A 24 10.08 -3.48 -2.17
C LYS A 24 8.99 -3.02 -3.13
N LEU A 25 7.75 -3.25 -2.76
CA LEU A 25 6.61 -2.86 -3.59
C LEU A 25 6.50 -1.34 -3.66
N CYS A 26 6.75 -0.67 -2.54
CA CYS A 26 6.69 0.78 -2.48
C CYS A 26 7.65 1.42 -3.48
N THR A 27 8.90 0.96 -3.45
CA THR A 27 9.92 1.48 -4.35
C THR A 27 9.60 1.13 -5.80
N GLU A 28 9.30 -0.14 -6.04
CA GLU A 28 8.98 -0.61 -7.38
C GLU A 28 7.78 0.16 -7.95
N ASN A 29 6.89 0.60 -7.07
CA ASN A 29 5.71 1.35 -7.48
C ASN A 29 6.07 2.77 -7.88
N GLY A 30 7.20 3.24 -7.38
CA GLY A 30 7.65 4.59 -7.70
C GLY A 30 7.45 5.55 -6.54
N ALA A 31 7.26 5.00 -5.35
CA ALA A 31 7.05 5.82 -4.15
C ALA A 31 8.37 6.07 -3.42
N GLU A 32 8.34 6.98 -2.46
CA GLU A 32 9.54 7.31 -1.69
C GLU A 32 9.97 6.12 -0.83
N SER A 33 9.08 5.68 0.05
CA SER A 33 9.38 4.56 0.94
C SER A 33 8.15 4.18 1.76
N GLY A 34 8.03 2.89 2.05
CA GLY A 34 6.89 2.40 2.83
C GLY A 34 7.26 1.25 3.73
N TYR A 35 6.29 0.78 4.51
CA TYR A 35 6.51 -0.32 5.43
C TYR A 35 5.24 -1.14 5.63
N CYS A 36 5.32 -2.14 6.51
CA CYS A 36 4.17 -2.99 6.78
C CYS A 36 3.41 -2.50 8.00
N GLN A 37 2.26 -1.86 7.77
CA GLN A 37 1.43 -1.35 8.85
C GLN A 37 0.56 -2.44 9.44
N TRP A 38 1.13 -3.23 10.34
CA TRP A 38 0.40 -4.32 10.98
C TRP A 38 -0.68 -3.78 11.92
N GLY A 39 -0.60 -2.48 12.21
CA GLY A 39 -1.57 -1.87 13.09
C GLY A 39 -2.20 -0.64 12.48
N GLY A 40 -3.25 -0.84 11.70
CA GLY A 40 -3.93 0.27 11.06
C GLY A 40 -5.44 0.12 11.07
N LYS A 41 -6.14 1.09 10.50
CA LYS A 41 -7.59 1.06 10.44
C LYS A 41 -8.08 -0.22 9.75
N TYR A 42 -7.37 -0.63 8.70
CA TYR A 42 -7.73 -1.83 7.96
C TYR A 42 -6.96 -3.03 8.47
N GLY A 43 -6.54 -2.98 9.73
CA GLY A 43 -5.80 -4.07 10.32
C GLY A 43 -4.33 -4.05 9.94
N ASN A 44 -3.84 -5.16 9.41
CA ASN A 44 -2.44 -5.26 9.02
C ASN A 44 -2.30 -5.07 7.51
N ALA A 45 -2.07 -3.83 7.09
CA ALA A 45 -1.91 -3.52 5.68
C ALA A 45 -0.58 -2.84 5.42
N CYS A 46 -0.11 -2.92 4.17
CA CYS A 46 1.17 -2.31 3.79
C CYS A 46 1.00 -0.82 3.54
N TRP A 47 1.70 -0.01 4.32
CA TRP A 47 1.64 1.44 4.19
C TRP A 47 2.78 1.96 3.33
N CYS A 48 2.54 3.06 2.62
CA CYS A 48 3.56 3.66 1.77
C CYS A 48 3.59 5.18 1.95
N ILE A 49 4.78 5.75 1.79
CA ILE A 49 4.95 7.19 1.94
C ILE A 49 5.42 7.83 0.63
N LYS A 50 4.70 8.86 0.19
CA LYS A 50 5.04 9.56 -1.04
C LYS A 50 4.86 8.64 -2.25
N LEU A 51 3.62 8.47 -2.68
CA LEU A 51 3.31 7.63 -3.83
C LEU A 51 2.79 8.47 -4.99
N PRO A 52 3.18 8.08 -6.22
CA PRO A 52 2.76 8.77 -7.43
C PRO A 52 1.28 8.58 -7.74
N ASP A 53 0.68 9.57 -8.38
CA ASP A 53 -0.74 9.51 -8.73
C ASP A 53 -1.03 8.29 -9.61
N SER A 54 -0.05 7.92 -10.43
CA SER A 54 -0.20 6.78 -11.32
C SER A 54 -0.69 5.54 -10.55
N VAL A 55 -0.34 5.47 -9.27
CA VAL A 55 -0.74 4.36 -8.44
C VAL A 55 -1.53 4.84 -7.22
N PRO A 56 -2.85 4.98 -7.40
CA PRO A 56 -3.75 5.44 -6.33
C PRO A 56 -3.91 4.39 -5.24
N ILE A 57 -3.71 4.80 -3.99
CA ILE A 57 -3.86 3.89 -2.86
C ILE A 57 -5.23 3.23 -2.85
N ARG A 58 -5.46 2.39 -1.84
CA ARG A 58 -6.73 1.69 -1.72
C ARG A 58 -7.87 2.67 -1.45
N VAL A 59 -8.82 2.74 -2.38
CA VAL A 59 -9.96 3.64 -2.22
C VAL A 59 -11.14 2.93 -1.57
N PRO A 60 -12.03 3.71 -0.95
CA PRO A 60 -13.21 3.18 -0.28
C PRO A 60 -14.24 2.62 -1.26
N GLY A 61 -14.30 1.30 -1.36
CA GLY A 61 -15.24 0.66 -2.25
C GLY A 61 -15.07 -0.84 -2.30
N LYS A 62 -15.53 -1.46 -3.38
CA LYS A 62 -15.42 -2.90 -3.55
C LYS A 62 -14.14 -3.28 -4.29
N CYS A 63 -13.78 -4.55 -4.24
CA CYS A 63 -12.58 -5.05 -4.91
C CYS A 63 -12.94 -5.86 -6.15
N GLN A 64 -12.12 -5.74 -7.18
CA GLN A 64 -12.35 -6.47 -8.43
C GLN A 64 -11.04 -7.00 -9.00
N VAL A 1 3.72 12.83 -5.56
CA VAL A 1 3.63 11.62 -4.74
C VAL A 1 2.84 11.89 -3.46
N ARG A 2 2.10 10.87 -3.02
CA ARG A 2 1.30 10.99 -1.80
C ARG A 2 1.43 9.73 -0.94
N ASP A 3 1.41 9.92 0.37
CA ASP A 3 1.52 8.81 1.30
C ASP A 3 0.14 8.28 1.70
N ALA A 4 0.03 6.96 1.79
CA ALA A 4 -1.23 6.33 2.16
C ALA A 4 -1.10 4.81 2.19
N TYR A 5 -2.21 4.13 2.45
CA TYR A 5 -2.21 2.67 2.51
C TYR A 5 -2.23 2.07 1.11
N ILE A 6 -1.07 1.61 0.65
CA ILE A 6 -0.96 1.01 -0.67
C ILE A 6 -1.83 -0.24 -0.78
N ALA A 7 -2.35 -0.48 -1.98
CA ALA A 7 -3.20 -1.65 -2.23
C ALA A 7 -3.08 -2.12 -3.67
N LYS A 8 -3.68 -3.26 -3.96
CA LYS A 8 -3.66 -3.82 -5.31
C LYS A 8 -5.06 -3.86 -5.92
N PRO A 9 -5.16 -3.54 -7.22
CA PRO A 9 -6.43 -3.53 -7.93
C PRO A 9 -6.99 -4.94 -8.15
N GLU A 10 -8.29 -5.03 -8.37
CA GLU A 10 -9.14 -3.84 -8.40
C GLU A 10 -9.58 -3.45 -7.01
N ASN A 11 -9.11 -2.30 -6.55
CA ASN A 11 -9.46 -1.81 -5.21
C ASN A 11 -9.44 -2.94 -4.19
N CYS A 12 -8.24 -3.41 -3.85
CA CYS A 12 -8.09 -4.49 -2.90
C CYS A 12 -6.92 -4.22 -1.94
N VAL A 13 -7.16 -4.42 -0.65
CA VAL A 13 -6.14 -4.19 0.36
C VAL A 13 -4.98 -5.18 0.20
N TYR A 14 -3.82 -4.80 0.71
CA TYR A 14 -2.63 -5.66 0.62
C TYR A 14 -2.13 -6.02 2.01
N GLU A 15 -2.34 -7.29 2.40
CA GLU A 15 -1.91 -7.76 3.71
C GLU A 15 -0.41 -8.07 3.70
N CYS A 16 0.29 -7.57 4.72
CA CYS A 16 1.73 -7.79 4.83
C CYS A 16 2.03 -8.92 5.80
N GLY A 17 3.30 -9.06 6.19
CA GLY A 17 3.69 -10.11 7.10
C GLY A 17 4.22 -11.33 6.38
N ILE A 18 3.89 -11.45 5.10
CA ILE A 18 4.33 -12.59 4.30
C ILE A 18 5.85 -12.59 4.15
N THR A 19 6.36 -11.63 3.39
CA THR A 19 7.80 -11.52 3.16
C THR A 19 8.36 -10.26 3.80
N GLN A 20 7.49 -9.30 4.07
CA GLN A 20 7.90 -8.05 4.68
C GLN A 20 8.86 -7.28 3.77
N ASP A 21 8.31 -6.67 2.72
CA ASP A 21 9.11 -5.91 1.77
C ASP A 21 8.31 -4.73 1.22
N CYS A 22 7.48 -4.14 2.07
CA CYS A 22 6.65 -3.00 1.66
C CYS A 22 7.52 -1.92 1.02
N ASN A 23 8.55 -1.48 1.73
CA ASN A 23 9.45 -0.46 1.22
C ASN A 23 9.94 -0.80 -0.18
N LYS A 24 10.21 -2.08 -0.42
CA LYS A 24 10.68 -2.54 -1.72
C LYS A 24 9.60 -2.35 -2.78
N LEU A 25 8.41 -2.83 -2.48
CA LEU A 25 7.29 -2.72 -3.42
C LEU A 25 7.06 -1.26 -3.82
N CYS A 26 7.03 -0.38 -2.83
CA CYS A 26 6.82 1.05 -3.08
C CYS A 26 7.92 1.61 -3.98
N THR A 27 9.17 1.48 -3.54
CA THR A 27 10.30 1.97 -4.31
C THR A 27 10.25 1.46 -5.75
N GLU A 28 10.13 0.15 -5.92
CA GLU A 28 10.07 -0.45 -7.24
C GLU A 28 8.95 0.19 -8.07
N ASN A 29 7.81 0.40 -7.45
CA ASN A 29 6.66 1.00 -8.14
C ASN A 29 6.96 2.45 -8.52
N GLY A 30 7.91 3.06 -7.81
CA GLY A 30 8.26 4.44 -8.08
C GLY A 30 7.93 5.36 -6.93
N ALA A 31 7.79 4.80 -5.73
CA ALA A 31 7.47 5.57 -4.55
C ALA A 31 8.74 5.96 -3.79
N GLU A 32 8.55 6.58 -2.62
CA GLU A 32 9.68 7.01 -1.80
C GLU A 32 10.06 5.92 -0.79
N SER A 33 9.13 5.60 0.10
CA SER A 33 9.36 4.58 1.11
C SER A 33 8.08 3.81 1.41
N GLY A 34 8.09 3.07 2.51
CA GLY A 34 6.92 2.29 2.90
C GLY A 34 7.25 1.23 3.93
N TYR A 35 6.22 0.73 4.60
CA TYR A 35 6.40 -0.29 5.63
C TYR A 35 5.12 -1.09 5.83
N CYS A 36 5.23 -2.22 6.53
CA CYS A 36 4.09 -3.08 6.79
C CYS A 36 3.34 -2.62 8.05
N GLN A 37 2.11 -2.17 7.87
CA GLN A 37 1.29 -1.70 8.98
C GLN A 37 0.43 -2.83 9.53
N TRP A 38 1.04 -3.71 10.33
CA TRP A 38 0.32 -4.83 10.92
C TRP A 38 -0.72 -4.35 11.91
N GLY A 39 -0.63 -3.08 12.30
CA GLY A 39 -1.58 -2.52 13.24
C GLY A 39 -2.22 -1.25 12.73
N GLY A 40 -3.29 -1.39 11.95
CA GLY A 40 -3.98 -0.23 11.42
C GLY A 40 -5.49 -0.37 11.48
N LYS A 41 -6.20 0.63 10.98
CA LYS A 41 -7.65 0.62 10.98
C LYS A 41 -8.18 -0.62 10.26
N TYR A 42 -7.54 -0.97 9.15
CA TYR A 42 -7.96 -2.13 8.37
C TYR A 42 -7.14 -3.36 8.75
N GLY A 43 -6.65 -3.37 9.99
CA GLY A 43 -5.86 -4.49 10.47
C GLY A 43 -4.42 -4.43 10.00
N ASN A 44 -3.94 -5.52 9.43
CA ASN A 44 -2.57 -5.58 8.94
C ASN A 44 -2.49 -5.25 7.45
N ALA A 45 -2.29 -3.97 7.15
CA ALA A 45 -2.21 -3.52 5.76
C ALA A 45 -0.84 -2.90 5.48
N CYS A 46 -0.44 -2.94 4.21
CA CYS A 46 0.85 -2.38 3.81
C CYS A 46 0.72 -0.89 3.53
N TRP A 47 1.57 -0.10 4.18
CA TRP A 47 1.55 1.35 4.00
C TRP A 47 2.72 1.80 3.12
N CYS A 48 2.48 2.84 2.33
CA CYS A 48 3.52 3.36 1.44
C CYS A 48 3.70 4.87 1.65
N ILE A 49 4.94 5.33 1.52
CA ILE A 49 5.25 6.75 1.69
C ILE A 49 5.57 7.41 0.36
N LYS A 50 4.75 8.38 -0.03
CA LYS A 50 4.95 9.10 -1.28
C LYS A 50 4.85 8.15 -2.47
N LEU A 51 3.65 8.04 -3.04
CA LEU A 51 3.41 7.17 -4.18
C LEU A 51 2.86 7.96 -5.37
N PRO A 52 3.30 7.60 -6.58
CA PRO A 52 2.86 8.25 -7.81
C PRO A 52 1.39 7.95 -8.14
N ASP A 53 0.75 8.88 -8.84
CA ASP A 53 -0.65 8.72 -9.22
C ASP A 53 -0.84 7.43 -10.01
N SER A 54 0.21 6.99 -10.71
CA SER A 54 0.15 5.78 -11.51
C SER A 54 -0.46 4.63 -10.71
N VAL A 55 -0.22 4.64 -9.41
CA VAL A 55 -0.74 3.60 -8.52
C VAL A 55 -1.41 4.20 -7.29
N PRO A 56 -2.70 4.52 -7.43
CA PRO A 56 -3.49 5.10 -6.33
C PRO A 56 -3.74 4.10 -5.20
N ILE A 57 -3.57 4.56 -3.97
CA ILE A 57 -3.79 3.71 -2.81
C ILE A 57 -5.20 3.12 -2.80
N ARG A 58 -5.51 2.35 -1.76
CA ARG A 58 -6.82 1.72 -1.65
C ARG A 58 -7.91 2.78 -1.44
N VAL A 59 -8.83 2.87 -2.40
CA VAL A 59 -9.92 3.84 -2.32
C VAL A 59 -11.15 3.23 -1.65
N PRO A 60 -12.00 4.09 -1.07
CA PRO A 60 -13.22 3.66 -0.39
C PRO A 60 -14.26 3.12 -1.36
N GLY A 61 -14.40 1.79 -1.39
CA GLY A 61 -15.37 1.17 -2.28
C GLY A 61 -15.29 -0.34 -2.25
N LYS A 62 -15.76 -0.98 -3.32
CA LYS A 62 -15.74 -2.43 -3.42
C LYS A 62 -14.48 -2.91 -4.14
N CYS A 63 -14.21 -4.20 -4.05
CA CYS A 63 -13.04 -4.79 -4.69
C CYS A 63 -13.45 -5.64 -5.89
N GLN A 64 -12.61 -5.64 -6.92
CA GLN A 64 -12.88 -6.41 -8.12
C GLN A 64 -11.60 -7.06 -8.66
N VAL A 1 3.69 12.96 -5.37
CA VAL A 1 3.67 11.77 -4.53
C VAL A 1 2.97 12.06 -3.20
N ARG A 2 2.27 11.06 -2.68
CA ARG A 2 1.56 11.19 -1.41
C ARG A 2 1.59 9.89 -0.62
N ASP A 3 1.62 10.01 0.70
CA ASP A 3 1.66 8.84 1.56
C ASP A 3 0.25 8.36 1.89
N ALA A 4 0.05 7.05 1.82
CA ALA A 4 -1.25 6.46 2.11
C ALA A 4 -1.20 4.93 2.03
N TYR A 5 -2.37 4.31 2.07
CA TYR A 5 -2.46 2.85 2.02
C TYR A 5 -2.47 2.36 0.57
N ILE A 6 -1.28 2.15 0.01
CA ILE A 6 -1.16 1.68 -1.37
C ILE A 6 -1.98 0.43 -1.60
N ALA A 7 -2.61 0.34 -2.77
CA ALA A 7 -3.43 -0.82 -3.11
C ALA A 7 -3.51 -1.00 -4.63
N LYS A 8 -4.04 -2.14 -5.04
CA LYS A 8 -4.17 -2.44 -6.47
C LYS A 8 -5.63 -2.70 -6.83
N PRO A 9 -6.03 -2.28 -8.04
CA PRO A 9 -7.39 -2.46 -8.54
C PRO A 9 -7.71 -3.92 -8.85
N GLU A 10 -9.00 -4.25 -8.86
CA GLU A 10 -10.04 -3.27 -8.58
C GLU A 10 -10.29 -3.13 -7.09
N ASN A 11 -9.95 -1.96 -6.54
CA ASN A 11 -10.13 -1.70 -5.12
C ASN A 11 -9.74 -2.92 -4.29
N CYS A 12 -8.44 -3.19 -4.22
CA CYS A 12 -7.93 -4.32 -3.46
C CYS A 12 -6.71 -3.93 -2.65
N VAL A 13 -6.68 -4.33 -1.38
CA VAL A 13 -5.57 -4.02 -0.49
C VAL A 13 -4.46 -5.06 -0.61
N TYR A 14 -3.40 -4.88 0.17
CA TYR A 14 -2.27 -5.80 0.14
C TYR A 14 -1.81 -6.13 1.56
N GLU A 15 -2.19 -7.30 2.05
CA GLU A 15 -1.82 -7.73 3.40
C GLU A 15 -0.34 -8.10 3.45
N CYS A 16 0.32 -7.73 4.54
CA CYS A 16 1.73 -8.02 4.72
C CYS A 16 1.93 -9.18 5.70
N GLY A 17 3.18 -9.39 6.10
CA GLY A 17 3.48 -10.47 7.04
C GLY A 17 3.97 -11.72 6.33
N ILE A 18 4.37 -11.58 5.08
CA ILE A 18 4.85 -12.70 4.30
C ILE A 18 6.37 -12.64 4.11
N THR A 19 6.83 -11.53 3.54
CA THR A 19 8.26 -11.34 3.31
C THR A 19 8.79 -10.16 4.11
N GLN A 20 7.89 -9.28 4.54
CA GLN A 20 8.27 -8.11 5.32
C GLN A 20 9.16 -7.17 4.49
N ASP A 21 8.96 -7.20 3.18
CA ASP A 21 9.75 -6.36 2.28
C ASP A 21 8.90 -5.22 1.72
N CYS A 22 7.96 -4.74 2.53
CA CYS A 22 7.08 -3.65 2.12
C CYS A 22 7.88 -2.47 1.59
N ASN A 23 8.84 -2.01 2.38
CA ASN A 23 9.68 -0.89 1.99
C ASN A 23 10.29 -1.11 0.61
N LYS A 24 10.66 -2.35 0.33
CA LYS A 24 11.26 -2.71 -0.95
C LYS A 24 10.24 -2.59 -2.07
N LEU A 25 9.08 -3.21 -1.88
CA LEU A 25 8.01 -3.17 -2.88
C LEU A 25 7.57 -1.74 -3.14
N CYS A 26 7.40 -0.97 -2.08
CA CYS A 26 6.98 0.42 -2.20
C CYS A 26 8.02 1.24 -2.96
N THR A 27 9.28 1.08 -2.59
CA THR A 27 10.37 1.80 -3.25
C THR A 27 10.48 1.42 -4.72
N GLU A 28 10.52 0.12 -4.99
CA GLU A 28 10.63 -0.37 -6.35
C GLU A 28 9.49 0.16 -7.21
N ASN A 29 8.29 0.16 -6.65
CA ASN A 29 7.12 0.65 -7.38
C ASN A 29 7.31 2.09 -7.82
N GLY A 30 8.19 2.81 -7.13
CA GLY A 30 8.46 4.19 -7.46
C GLY A 30 8.17 5.13 -6.32
N ALA A 31 7.82 4.57 -5.17
CA ALA A 31 7.53 5.37 -3.98
C ALA A 31 8.80 5.73 -3.22
N GLU A 32 8.70 6.73 -2.34
CA GLU A 32 9.84 7.16 -1.56
C GLU A 32 10.19 6.13 -0.49
N SER A 33 9.18 5.67 0.24
CA SER A 33 9.39 4.69 1.30
C SER A 33 8.12 3.87 1.53
N GLY A 34 8.15 3.02 2.56
CA GLY A 34 7.00 2.20 2.86
C GLY A 34 7.30 1.14 3.90
N TYR A 35 6.27 0.41 4.33
CA TYR A 35 6.44 -0.64 5.33
C TYR A 35 5.13 -1.37 5.57
N CYS A 36 5.21 -2.47 6.31
CA CYS A 36 4.02 -3.27 6.63
C CYS A 36 3.28 -2.70 7.82
N GLN A 37 2.12 -2.12 7.58
CA GLN A 37 1.31 -1.53 8.65
C GLN A 37 0.43 -2.60 9.31
N TRP A 38 1.01 -3.35 10.23
CA TRP A 38 0.28 -4.39 10.94
C TRP A 38 -0.57 -3.81 12.06
N GLY A 39 -1.77 -3.36 11.72
CA GLY A 39 -2.66 -2.78 12.70
C GLY A 39 -3.04 -1.35 12.38
N GLY A 40 -4.00 -1.18 11.48
CA GLY A 40 -4.43 0.15 11.09
C GLY A 40 -5.93 0.22 10.88
N LYS A 41 -6.37 1.28 10.20
CA LYS A 41 -7.79 1.47 9.92
C LYS A 41 -8.39 0.22 9.28
N TYR A 42 -7.76 -0.25 8.22
CA TYR A 42 -8.24 -1.44 7.51
C TYR A 42 -7.51 -2.69 8.00
N GLY A 43 -7.02 -2.64 9.23
CA GLY A 43 -6.32 -3.77 9.79
C GLY A 43 -4.87 -3.84 9.34
N ASN A 44 -4.41 -5.04 9.01
CA ASN A 44 -3.04 -5.24 8.55
C ASN A 44 -2.93 -4.98 7.05
N ALA A 45 -2.23 -3.91 6.70
CA ALA A 45 -2.03 -3.55 5.30
C ALA A 45 -0.68 -2.91 5.07
N CYS A 46 -0.15 -3.05 3.87
CA CYS A 46 1.15 -2.49 3.52
C CYS A 46 1.04 -1.00 3.24
N TRP A 47 1.64 -0.19 4.12
CA TRP A 47 1.61 1.26 3.97
C TRP A 47 2.69 1.73 3.01
N CYS A 48 2.42 2.84 2.31
CA CYS A 48 3.38 3.39 1.37
C CYS A 48 3.59 4.88 1.61
N ILE A 49 4.84 5.32 1.48
CA ILE A 49 5.17 6.73 1.69
C ILE A 49 5.58 7.40 0.38
N LYS A 50 4.84 8.45 0.01
CA LYS A 50 5.13 9.18 -1.21
C LYS A 50 4.92 8.28 -2.44
N LEU A 51 3.67 8.13 -2.84
CA LEU A 51 3.33 7.30 -4.00
C LEU A 51 2.80 8.16 -5.15
N PRO A 52 3.25 7.86 -6.37
CA PRO A 52 2.83 8.59 -7.57
C PRO A 52 1.37 8.31 -7.93
N ASP A 53 0.80 9.17 -8.77
CA ASP A 53 -0.58 9.01 -9.21
C ASP A 53 -0.80 7.65 -9.87
N SER A 54 0.23 7.17 -10.56
CA SER A 54 0.15 5.88 -11.23
C SER A 54 -0.39 4.80 -10.31
N VAL A 55 -0.13 4.96 -9.01
CA VAL A 55 -0.59 4.00 -8.01
C VAL A 55 -1.56 4.66 -7.03
N PRO A 56 -2.86 4.60 -7.35
CA PRO A 56 -3.91 5.19 -6.51
C PRO A 56 -4.09 4.42 -5.21
N ILE A 57 -4.44 5.14 -4.14
CA ILE A 57 -4.65 4.52 -2.84
C ILE A 57 -5.98 3.78 -2.80
N ARG A 58 -6.07 2.81 -1.90
CA ARG A 58 -7.30 2.02 -1.75
C ARG A 58 -8.46 2.90 -1.29
N VAL A 59 -9.64 2.66 -1.85
CA VAL A 59 -10.82 3.42 -1.49
C VAL A 59 -11.84 2.56 -0.75
N PRO A 60 -12.73 3.21 0.00
CA PRO A 60 -13.77 2.51 0.78
C PRO A 60 -14.83 1.89 -0.13
N GLY A 61 -14.80 0.57 -0.24
CA GLY A 61 -15.77 -0.14 -1.07
C GLY A 61 -15.43 -1.60 -1.24
N LYS A 62 -16.01 -2.22 -2.26
CA LYS A 62 -15.77 -3.63 -2.53
C LYS A 62 -14.61 -3.81 -3.51
N CYS A 63 -14.08 -5.03 -3.58
CA CYS A 63 -12.98 -5.33 -4.48
C CYS A 63 -13.45 -6.10 -5.71
N GLN A 64 -12.81 -5.86 -6.84
CA GLN A 64 -13.17 -6.53 -8.09
C GLN A 64 -11.93 -6.87 -8.90
N VAL A 1 3.80 13.92 -4.56
CA VAL A 1 3.68 12.62 -3.91
C VAL A 1 2.98 12.74 -2.56
N ARG A 2 2.21 11.71 -2.21
CA ARG A 2 1.49 11.70 -0.94
C ARG A 2 1.45 10.29 -0.35
N ASP A 3 1.49 10.22 0.97
CA ASP A 3 1.45 8.92 1.66
C ASP A 3 0.03 8.37 1.71
N ALA A 4 -0.09 7.05 1.78
CA ALA A 4 -1.38 6.39 1.82
C ALA A 4 -1.23 4.88 1.92
N TYR A 5 -2.36 4.17 1.82
CA TYR A 5 -2.34 2.72 1.90
C TYR A 5 -2.29 2.10 0.51
N ILE A 6 -1.10 1.72 0.07
CA ILE A 6 -0.91 1.12 -1.24
C ILE A 6 -1.70 -0.17 -1.36
N ALA A 7 -2.24 -0.43 -2.55
CA ALA A 7 -3.02 -1.64 -2.79
C ALA A 7 -3.01 -2.01 -4.28
N LYS A 8 -3.68 -3.11 -4.61
CA LYS A 8 -3.75 -3.56 -6.00
C LYS A 8 -5.20 -3.73 -6.44
N PRO A 9 -5.48 -3.33 -7.69
CA PRO A 9 -6.82 -3.43 -8.26
C PRO A 9 -7.25 -4.87 -8.52
N GLU A 10 -8.56 -5.08 -8.62
CA GLU A 10 -9.52 -4.01 -8.49
C GLU A 10 -9.86 -3.75 -7.02
N ASN A 11 -9.47 -2.58 -6.53
CA ASN A 11 -9.73 -2.21 -5.15
C ASN A 11 -9.48 -3.39 -4.22
N CYS A 12 -8.21 -3.77 -4.07
CA CYS A 12 -7.85 -4.88 -3.20
C CYS A 12 -6.64 -4.53 -2.34
N VAL A 13 -6.73 -4.84 -1.05
CA VAL A 13 -5.64 -4.56 -0.12
C VAL A 13 -4.53 -5.60 -0.25
N TYR A 14 -3.38 -5.30 0.36
CA TYR A 14 -2.24 -6.21 0.32
C TYR A 14 -1.76 -6.55 1.73
N GLU A 15 -2.09 -7.74 2.19
CA GLU A 15 -1.69 -8.20 3.51
C GLU A 15 -0.23 -8.66 3.52
N CYS A 16 0.54 -8.14 4.48
CA CYS A 16 1.94 -8.49 4.60
C CYS A 16 2.41 -8.41 6.04
N GLY A 17 3.25 -9.36 6.45
CA GLY A 17 3.76 -9.38 7.80
C GLY A 17 4.87 -10.39 7.99
N ILE A 18 4.74 -11.55 7.36
CA ILE A 18 5.74 -12.60 7.46
C ILE A 18 6.97 -12.28 6.61
N THR A 19 6.81 -12.37 5.30
CA THR A 19 7.90 -12.10 4.38
C THR A 19 8.32 -10.63 4.45
N GLN A 20 7.34 -9.74 4.59
CA GLN A 20 7.62 -8.31 4.68
C GLN A 20 8.36 -7.82 3.44
N ASP A 21 7.61 -7.43 2.42
CA ASP A 21 8.20 -6.93 1.17
C ASP A 21 7.49 -5.65 0.72
N CYS A 22 6.82 -4.99 1.64
CA CYS A 22 6.11 -3.75 1.34
C CYS A 22 7.08 -2.68 0.86
N ASN A 23 8.20 -2.54 1.57
CA ASN A 23 9.21 -1.55 1.22
C ASN A 23 9.67 -1.72 -0.21
N LYS A 24 9.84 -2.97 -0.63
CA LYS A 24 10.28 -3.27 -1.99
C LYS A 24 9.20 -2.92 -3.01
N LEU A 25 8.01 -3.49 -2.82
CA LEU A 25 6.89 -3.24 -3.71
C LEU A 25 6.60 -1.75 -3.83
N CYS A 26 6.62 -1.06 -2.69
CA CYS A 26 6.36 0.37 -2.66
C CYS A 26 7.42 1.13 -3.46
N THR A 27 8.68 0.90 -3.12
CA THR A 27 9.79 1.56 -3.80
C THR A 27 9.73 1.31 -5.30
N GLU A 28 9.61 0.05 -5.70
CA GLU A 28 9.54 -0.31 -7.10
C GLU A 28 8.41 0.43 -7.80
N ASN A 29 7.25 0.48 -7.14
CA ASN A 29 6.09 1.17 -7.71
C ASN A 29 6.40 2.63 -7.97
N GLY A 30 7.40 3.17 -7.28
CA GLY A 30 7.77 4.55 -7.46
C GLY A 30 7.60 5.37 -6.19
N ALA A 31 7.27 4.70 -5.09
CA ALA A 31 7.08 5.36 -3.81
C ALA A 31 8.41 5.62 -3.12
N GLU A 32 8.47 6.70 -2.35
CA GLU A 32 9.70 7.05 -1.63
C GLU A 32 10.03 6.01 -0.57
N SER A 33 9.02 5.59 0.17
CA SER A 33 9.21 4.59 1.23
C SER A 33 7.99 3.69 1.35
N GLY A 34 8.13 2.59 2.07
CA GLY A 34 7.04 1.66 2.26
C GLY A 34 7.35 0.60 3.29
N TYR A 35 6.30 0.06 3.91
CA TYR A 35 6.46 -0.97 4.93
C TYR A 35 5.13 -1.65 5.23
N CYS A 36 5.17 -2.65 6.10
CA CYS A 36 3.97 -3.39 6.48
C CYS A 36 3.30 -2.76 7.70
N GLN A 37 2.15 -2.13 7.47
CA GLN A 37 1.41 -1.47 8.55
C GLN A 37 0.53 -2.48 9.29
N TRP A 38 1.10 -3.10 10.32
CA TRP A 38 0.36 -4.08 11.12
C TRP A 38 -0.48 -3.40 12.19
N GLY A 39 -1.68 -2.97 11.81
CA GLY A 39 -2.57 -2.31 12.75
C GLY A 39 -2.96 -0.91 12.30
N GLY A 40 -3.88 -0.84 11.34
CA GLY A 40 -4.31 0.44 10.83
C GLY A 40 -5.81 0.50 10.62
N LYS A 41 -6.26 1.47 9.83
CA LYS A 41 -7.68 1.63 9.54
C LYS A 41 -8.28 0.32 9.01
N TYR A 42 -7.55 -0.34 8.11
CA TYR A 42 -8.01 -1.59 7.54
C TYR A 42 -7.23 -2.77 8.11
N GLY A 43 -6.74 -2.61 9.33
CA GLY A 43 -5.98 -3.67 9.97
C GLY A 43 -4.55 -3.76 9.46
N ASN A 44 -4.11 -4.97 9.16
CA ASN A 44 -2.76 -5.18 8.65
C ASN A 44 -2.71 -5.04 7.13
N ALA A 45 -1.99 -4.03 6.66
CA ALA A 45 -1.86 -3.79 5.23
C ALA A 45 -0.57 -3.05 4.91
N CYS A 46 -0.06 -3.26 3.70
CA CYS A 46 1.18 -2.61 3.26
C CYS A 46 0.97 -1.11 3.07
N TRP A 47 1.68 -0.32 3.86
CA TRP A 47 1.58 1.13 3.78
C TRP A 47 2.64 1.70 2.85
N CYS A 48 2.33 2.82 2.20
CA CYS A 48 3.25 3.46 1.28
C CYS A 48 3.46 4.92 1.64
N ILE A 49 4.68 5.41 1.45
CA ILE A 49 5.01 6.80 1.77
C ILE A 49 5.49 7.54 0.53
N LYS A 50 4.86 8.67 0.24
CA LYS A 50 5.23 9.48 -0.92
C LYS A 50 4.95 8.73 -2.22
N LEU A 51 3.70 8.77 -2.67
CA LEU A 51 3.32 8.09 -3.90
C LEU A 51 2.77 9.08 -4.91
N PRO A 52 3.18 8.92 -6.18
CA PRO A 52 2.74 9.80 -7.27
C PRO A 52 1.27 9.58 -7.62
N ASP A 53 0.64 10.63 -8.15
CA ASP A 53 -0.77 10.56 -8.53
C ASP A 53 -1.02 9.38 -9.47
N SER A 54 -0.13 9.21 -10.43
CA SER A 54 -0.25 8.12 -11.40
C SER A 54 -0.49 6.79 -10.70
N VAL A 55 0.06 6.66 -9.49
CA VAL A 55 -0.09 5.44 -8.72
C VAL A 55 -1.01 5.66 -7.52
N PRO A 56 -2.32 5.46 -7.73
CA PRO A 56 -3.33 5.63 -6.68
C PRO A 56 -3.24 4.55 -5.61
N ILE A 57 -4.02 4.71 -4.55
CA ILE A 57 -4.03 3.74 -3.46
C ILE A 57 -5.41 3.10 -3.31
N ARG A 58 -5.56 2.27 -2.28
CA ARG A 58 -6.83 1.59 -2.03
C ARG A 58 -7.93 2.61 -1.74
N VAL A 59 -9.10 2.39 -2.34
CA VAL A 59 -10.24 3.27 -2.14
C VAL A 59 -11.36 2.57 -1.38
N PRO A 60 -12.24 3.37 -0.76
CA PRO A 60 -13.37 2.84 0.01
C PRO A 60 -14.43 2.20 -0.88
N GLY A 61 -14.45 0.87 -0.91
CA GLY A 61 -15.41 0.16 -1.73
C GLY A 61 -15.16 -1.34 -1.74
N LYS A 62 -15.77 -2.03 -2.71
CA LYS A 62 -15.60 -3.48 -2.83
C LYS A 62 -14.43 -3.82 -3.74
N CYS A 63 -13.98 -5.07 -3.67
CA CYS A 63 -12.87 -5.53 -4.48
C CYS A 63 -13.36 -6.30 -5.69
N GLN A 64 -12.63 -6.18 -6.80
CA GLN A 64 -13.00 -6.87 -8.04
C GLN A 64 -11.76 -7.28 -8.82
#